data_8BPQ
#
_entry.id   8BPQ
#
_cell.length_a   96.062
_cell.length_b   96.062
_cell.length_c   100.350
_cell.angle_alpha   90.000
_cell.angle_beta   90.000
_cell.angle_gamma   120.000
#
_symmetry.space_group_name_H-M   'P 32'
#
loop_
_entity.id
_entity.type
_entity.pdbx_description
1 polymer 'N-ethylmaleimide reductase'
2 non-polymer 'FLAVIN MONONUCLEOTIDE'
3 non-polymer Tb-Xo4
4 water water
#
_entity_poly.entity_id   1
_entity_poly.type   'polypeptide(L)'
_entity_poly.pdbx_seq_one_letter_code
;MSSEKLYSPLKVGAITAANRIFMAPLTRLRSIEPGDIPTPLMAEYYRQRASAGLIISEATQISAQAKGYAGAPGIHSPEQ
IAAWKKITAGVHAENGHMAVQLWHTGRISHASLQPGGQAPVAPSALSAGTRTSLRDENGQAIRVETSMPRALELEEIPGI
VNDFRQAIANAREAGFDLVELHSAHGFLLHQFLSPSSNHRTDQYGGSVENRARLVLEVVDAGIEEWGADRIGIRVSPIGT
FQNTDNGPNEEADALYLIEQLGKRGIAYLHMSEPDWAGGEPYTDAFREKVRARFHGPIIGAGAYTVEKAETLIGKGLIDA
VAFGRDWIANPDLVARLQRKAELNPQRAESFYGGGAEGYTDYPTL
;
_entity_poly.pdbx_strand_id   A,B,C
#
# COMPACT_ATOMS: atom_id res chain seq x y z
N GLU A 4 28.86 -3.49 -14.32
CA GLU A 4 27.82 -4.44 -13.99
C GLU A 4 26.63 -3.76 -13.30
N LYS A 5 26.67 -2.43 -13.25
CA LYS A 5 25.56 -1.69 -12.64
C LYS A 5 24.31 -1.77 -13.51
N LEU A 6 24.47 -1.85 -14.83
CA LEU A 6 23.32 -1.93 -15.73
C LEU A 6 22.52 -3.22 -15.53
N TYR A 7 23.11 -4.24 -14.92
CA TYR A 7 22.48 -5.55 -14.80
C TYR A 7 22.00 -5.84 -13.39
N SER A 8 22.02 -4.87 -12.51
CA SER A 8 21.53 -5.01 -11.15
C SER A 8 20.05 -4.65 -11.07
N PRO A 9 19.32 -5.24 -10.13
CA PRO A 9 17.88 -4.96 -10.02
C PRO A 9 17.62 -3.50 -9.69
N LEU A 10 16.36 -3.11 -9.87
CA LEU A 10 15.92 -1.74 -9.60
C LEU A 10 14.44 -1.75 -9.29
N LYS A 11 14.07 -1.19 -8.14
CA LYS A 11 12.67 -1.09 -7.77
C LYS A 11 12.02 0.06 -8.54
N VAL A 12 11.01 -0.27 -9.35
CA VAL A 12 10.29 0.71 -10.15
C VAL A 12 8.83 0.63 -9.72
N GLY A 13 8.44 1.51 -8.80
CA GLY A 13 7.07 1.48 -8.33
C GLY A 13 6.81 0.25 -7.48
N ALA A 14 5.73 -0.47 -7.80
CA ALA A 14 5.33 -1.64 -7.03
C ALA A 14 6.07 -2.91 -7.44
N ILE A 15 6.91 -2.86 -8.46
CA ILE A 15 7.62 -4.03 -8.94
C ILE A 15 9.13 -3.76 -8.86
N THR A 16 9.91 -4.81 -9.13
CA THR A 16 11.36 -4.73 -9.13
C THR A 16 11.87 -5.23 -10.48
N ALA A 17 12.40 -4.33 -11.30
CA ALA A 17 12.99 -4.71 -12.56
C ALA A 17 14.27 -5.50 -12.33
N ALA A 18 14.45 -6.56 -13.10
CA ALA A 18 15.61 -7.44 -12.92
C ALA A 18 16.91 -6.78 -13.34
N ASN A 19 16.86 -5.72 -14.15
CA ASN A 19 18.06 -5.02 -14.60
C ASN A 19 17.68 -3.61 -15.00
N ARG A 20 18.66 -2.85 -15.47
CA ARG A 20 18.47 -1.45 -15.86
C ARG A 20 18.29 -1.25 -17.36
N ILE A 21 18.23 -2.33 -18.14
CA ILE A 21 18.15 -2.24 -19.59
C ILE A 21 16.67 -2.40 -19.95
N PHE A 22 15.98 -1.27 -20.08
CA PHE A 22 14.56 -1.27 -20.37
C PHE A 22 14.31 -1.22 -21.87
N MET A 23 13.11 -1.63 -22.27
CA MET A 23 12.67 -1.59 -23.66
C MET A 23 11.73 -0.41 -23.83
N ALA A 24 12.14 0.58 -24.63
CA ALA A 24 11.35 1.77 -24.86
C ALA A 24 10.04 1.41 -25.56
N PRO A 25 9.03 2.26 -25.45
CA PRO A 25 7.79 2.03 -26.21
C PRO A 25 8.04 2.13 -27.70
N LEU A 26 7.52 1.16 -28.46
CA LEU A 26 7.81 1.04 -29.88
C LEU A 26 6.53 0.73 -30.64
N THR A 27 5.95 1.75 -31.25
CA THR A 27 4.82 1.59 -32.15
C THR A 27 5.23 0.74 -33.35
N ARG A 28 4.54 -0.39 -33.55
CA ARG A 28 4.81 -1.27 -34.68
C ARG A 28 3.64 -1.40 -35.64
N LEU A 29 2.44 -0.96 -35.27
CA LEU A 29 1.29 -0.85 -36.17
C LEU A 29 0.88 -2.20 -36.76
N ARG A 30 0.80 -3.22 -35.91
CA ARG A 30 0.43 -4.56 -36.34
C ARG A 30 -0.87 -5.04 -35.71
N SER A 31 -1.68 -4.14 -35.17
CA SER A 31 -2.93 -4.55 -34.54
C SER A 31 -3.99 -4.86 -35.59
N ILE A 32 -4.99 -5.64 -35.17
CA ILE A 32 -6.11 -5.98 -36.05
C ILE A 32 -7.02 -4.77 -36.21
N GLU A 33 -7.41 -4.50 -37.46
CA GLU A 33 -8.41 -3.49 -37.74
C GLU A 33 -9.57 -4.09 -38.51
N PRO A 34 -10.82 -3.75 -38.14
CA PRO A 34 -11.17 -2.81 -37.07
C PRO A 34 -11.04 -3.41 -35.68
N GLY A 35 -11.09 -2.56 -34.65
CA GLY A 35 -11.05 -2.97 -33.26
C GLY A 35 -9.77 -2.59 -32.55
N ASP A 36 -8.68 -2.42 -33.28
CA ASP A 36 -7.37 -2.11 -32.70
C ASP A 36 -7.00 -3.14 -31.63
N ILE A 37 -7.11 -4.41 -32.00
CA ILE A 37 -7.01 -5.52 -31.06
C ILE A 37 -5.58 -6.05 -31.09
N PRO A 38 -4.92 -6.18 -29.94
CA PRO A 38 -3.61 -6.86 -29.92
C PRO A 38 -3.75 -8.31 -30.37
N THR A 39 -2.66 -8.85 -30.89
CA THR A 39 -2.65 -10.14 -31.55
C THR A 39 -1.78 -11.14 -30.78
N PRO A 40 -1.96 -12.44 -31.03
CA PRO A 40 -0.98 -13.42 -30.52
C PRO A 40 0.40 -13.23 -31.11
N LEU A 41 0.52 -12.63 -32.29
CA LEU A 41 1.83 -12.29 -32.82
C LEU A 41 2.52 -11.25 -31.96
N MET A 42 1.79 -10.21 -31.56
CA MET A 42 2.32 -9.24 -30.61
C MET A 42 2.67 -9.89 -29.28
N ALA A 43 1.90 -10.91 -28.88
CA ALA A 43 2.21 -11.62 -27.65
C ALA A 43 3.56 -12.32 -27.73
N GLU A 44 3.82 -12.99 -28.87
CA GLU A 44 5.12 -13.62 -29.06
C GLU A 44 6.23 -12.59 -29.14
N TYR A 45 5.96 -11.45 -29.79
CA TYR A 45 6.95 -10.39 -29.90
C TYR A 45 7.41 -9.89 -28.54
N TYR A 46 6.46 -9.62 -27.64
CA TYR A 46 6.83 -9.16 -26.31
C TYR A 46 7.39 -10.28 -25.45
N ARG A 47 6.94 -11.52 -25.67
CA ARG A 47 7.46 -12.65 -24.90
C ARG A 47 8.94 -12.87 -25.21
N GLN A 48 9.35 -12.67 -26.46
CA GLN A 48 10.75 -12.84 -26.84
C GLN A 48 11.67 -11.88 -26.12
N ARG A 49 11.14 -10.73 -25.67
CA ARG A 49 11.95 -9.68 -25.06
C ARG A 49 11.71 -9.55 -23.55
N ALA A 50 11.20 -10.62 -22.92
CA ALA A 50 10.90 -10.57 -21.50
C ALA A 50 12.14 -10.43 -20.63
N SER A 51 13.34 -10.62 -21.19
CA SER A 51 14.56 -10.44 -20.41
C SER A 51 14.83 -8.98 -20.08
N ALA A 52 14.15 -8.05 -20.74
CA ALA A 52 14.27 -6.64 -20.38
C ALA A 52 13.83 -6.43 -18.94
N GLY A 53 14.53 -5.55 -18.23
CA GLY A 53 14.14 -5.22 -16.87
C GLY A 53 12.71 -4.72 -16.78
N LEU A 54 12.31 -3.89 -17.75
CA LEU A 54 10.94 -3.42 -17.85
C LEU A 54 10.60 -3.24 -19.32
N ILE A 55 9.53 -3.87 -19.76
CA ILE A 55 9.00 -3.66 -21.10
C ILE A 55 7.95 -2.57 -21.04
N ILE A 56 8.15 -1.50 -21.81
CA ILE A 56 7.14 -0.47 -22.01
C ILE A 56 6.47 -0.74 -23.35
N SER A 57 5.18 -1.04 -23.32
CA SER A 57 4.48 -1.45 -24.53
C SER A 57 4.45 -0.31 -25.54
N GLU A 58 4.10 -0.67 -26.78
CA GLU A 58 3.82 0.34 -27.78
C GLU A 58 2.68 1.25 -27.31
N ALA A 59 2.66 2.46 -27.84
CA ALA A 59 1.64 3.43 -27.45
C ALA A 59 0.25 2.90 -27.75
N THR A 60 -0.66 3.06 -26.78
CA THR A 60 -1.95 2.36 -26.78
C THR A 60 -3.07 3.36 -26.53
N GLN A 61 -4.12 3.27 -27.34
CA GLN A 61 -5.22 4.23 -27.26
C GLN A 61 -6.03 4.06 -25.99
N ILE A 62 -6.27 5.16 -25.29
CA ILE A 62 -7.18 5.17 -24.15
C ILE A 62 -8.64 5.17 -24.58
N SER A 63 -8.92 5.55 -25.83
CA SER A 63 -10.29 5.65 -26.32
C SER A 63 -10.25 5.61 -27.84
N ALA A 64 -11.44 5.54 -28.44
CA ALA A 64 -11.53 5.60 -29.89
C ALA A 64 -11.11 6.98 -30.41
N GLN A 65 -11.44 8.04 -29.66
CA GLN A 65 -11.03 9.38 -30.04
C GLN A 65 -9.53 9.54 -30.02
N ALA A 66 -8.83 8.76 -29.20
CA ALA A 66 -7.39 8.88 -29.04
C ALA A 66 -6.59 8.30 -30.20
N LYS A 67 -7.26 7.69 -31.17
CA LYS A 67 -6.56 7.02 -32.26
C LYS A 67 -6.02 8.02 -33.27
N GLY A 68 -4.73 7.90 -33.57
CA GLY A 68 -4.10 8.74 -34.57
C GLY A 68 -3.29 7.94 -35.56
N TYR A 69 -3.04 6.67 -35.23
CA TYR A 69 -2.25 5.77 -36.05
C TYR A 69 -3.08 4.54 -36.40
N ALA A 70 -3.17 4.23 -37.69
CA ALA A 70 -3.83 3.01 -38.12
C ALA A 70 -2.97 1.80 -37.75
N GLY A 71 -3.57 0.81 -37.12
CA GLY A 71 -2.85 -0.36 -36.68
C GLY A 71 -2.27 -0.27 -35.28
N ALA A 72 -2.46 0.86 -34.59
CA ALA A 72 -2.02 0.95 -33.21
C ALA A 72 -3.09 0.40 -32.28
N PRO A 73 -2.70 -0.25 -31.19
CA PRO A 73 -3.69 -0.90 -30.33
C PRO A 73 -4.38 0.08 -29.38
N GLY A 74 -5.51 -0.37 -28.86
CA GLY A 74 -6.22 0.31 -27.80
C GLY A 74 -6.34 -0.58 -26.57
N ILE A 75 -6.89 0.01 -25.52
CA ILE A 75 -7.13 -0.74 -24.28
C ILE A 75 -8.40 -0.20 -23.63
N HIS A 76 -9.38 0.15 -24.47
CA HIS A 76 -10.67 0.64 -23.98
C HIS A 76 -11.82 -0.33 -24.17
N SER A 77 -11.71 -1.29 -25.09
CA SER A 77 -12.78 -2.24 -25.34
C SER A 77 -12.49 -3.57 -24.64
N PRO A 78 -13.53 -4.37 -24.37
CA PRO A 78 -13.29 -5.65 -23.69
C PRO A 78 -12.41 -6.61 -24.47
N GLU A 79 -12.50 -6.60 -25.80
CA GLU A 79 -11.65 -7.50 -26.58
C GLU A 79 -10.20 -7.07 -26.57
N GLN A 80 -9.94 -5.76 -26.48
CA GLN A 80 -8.57 -5.29 -26.31
C GLN A 80 -8.02 -5.68 -24.94
N ILE A 81 -8.84 -5.52 -23.89
CA ILE A 81 -8.41 -5.92 -22.55
C ILE A 81 -8.09 -7.40 -22.51
N ALA A 82 -8.95 -8.23 -23.11
CA ALA A 82 -8.73 -9.67 -23.10
C ALA A 82 -7.45 -10.04 -23.86
N ALA A 83 -7.17 -9.33 -24.96
CA ALA A 83 -5.96 -9.62 -25.73
C ALA A 83 -4.71 -9.21 -24.96
N TRP A 84 -4.70 -8.00 -24.39
CA TRP A 84 -3.56 -7.56 -23.59
C TRP A 84 -3.30 -8.50 -22.41
N LYS A 85 -4.36 -9.07 -21.84
CA LYS A 85 -4.18 -9.96 -20.69
C LYS A 85 -3.38 -11.20 -21.07
N LYS A 86 -3.56 -11.69 -22.30
CA LYS A 86 -2.75 -12.81 -22.77
C LYS A 86 -1.29 -12.39 -22.98
N ILE A 87 -1.08 -11.15 -23.42
CA ILE A 87 0.28 -10.66 -23.65
C ILE A 87 1.02 -10.50 -22.33
N THR A 88 0.36 -9.89 -21.33
CA THR A 88 1.02 -9.67 -20.05
C THR A 88 1.30 -10.98 -19.33
N ALA A 89 0.36 -11.92 -19.38
CA ALA A 89 0.58 -13.22 -18.72
C ALA A 89 1.79 -13.93 -19.30
N GLY A 90 2.01 -13.81 -20.61
CA GLY A 90 3.17 -14.45 -21.22
C GLY A 90 4.48 -13.86 -20.77
N VAL A 91 4.53 -12.53 -20.66
CA VAL A 91 5.77 -11.88 -20.21
C VAL A 91 6.06 -12.23 -18.76
N HIS A 92 5.02 -12.25 -17.92
CA HIS A 92 5.22 -12.58 -16.50
C HIS A 92 5.67 -14.03 -16.31
N ALA A 93 5.22 -14.93 -17.20
CA ALA A 93 5.62 -16.32 -17.09
C ALA A 93 7.12 -16.50 -17.29
N GLU A 94 7.73 -15.64 -18.11
CA GLU A 94 9.18 -15.63 -18.29
C GLU A 94 9.86 -14.62 -17.37
N ASN A 95 9.26 -14.34 -16.21
CA ASN A 95 9.83 -13.45 -15.20
C ASN A 95 10.10 -12.05 -15.74
N GLY A 96 9.30 -11.62 -16.71
CA GLY A 96 9.39 -10.25 -17.18
C GLY A 96 8.42 -9.34 -16.46
N HIS A 97 8.58 -8.04 -16.70
CA HIS A 97 7.68 -7.02 -16.18
C HIS A 97 7.31 -6.08 -17.32
N MET A 98 6.06 -5.62 -17.32
CA MET A 98 5.54 -4.88 -18.46
C MET A 98 4.67 -3.73 -18.00
N ALA A 99 4.85 -2.58 -18.64
CA ALA A 99 3.98 -1.43 -18.51
C ALA A 99 3.34 -1.14 -19.86
N VAL A 100 2.18 -0.48 -19.82
CA VAL A 100 1.48 -0.05 -21.02
C VAL A 100 1.57 1.46 -21.12
N GLN A 101 1.96 1.95 -22.29
CA GLN A 101 2.01 3.39 -22.54
C GLN A 101 0.64 3.82 -23.06
N LEU A 102 -0.02 4.69 -22.32
CA LEU A 102 -1.34 5.19 -22.67
C LEU A 102 -1.19 6.57 -23.31
N TRP A 103 -1.75 6.74 -24.51
CA TRP A 103 -1.64 8.02 -25.19
C TRP A 103 -2.99 8.45 -25.74
N HIS A 104 -3.09 9.77 -25.95
CA HIS A 104 -4.09 10.38 -26.81
C HIS A 104 -3.30 11.16 -27.86
N THR A 105 -3.46 10.78 -29.13
CA THR A 105 -2.64 11.38 -30.17
C THR A 105 -2.94 12.86 -30.38
N GLY A 106 -4.12 13.32 -30.02
CA GLY A 106 -4.45 14.72 -30.21
C GLY A 106 -4.44 15.08 -31.68
N ARG A 107 -3.78 16.19 -32.01
CA ARG A 107 -3.77 16.70 -33.37
C ARG A 107 -2.93 15.86 -34.32
N ILE A 108 -2.06 14.98 -33.81
CA ILE A 108 -1.32 14.07 -34.68
C ILE A 108 -2.23 12.89 -35.02
N SER A 109 -3.17 13.11 -35.92
CA SER A 109 -4.18 12.12 -36.25
C SER A 109 -4.79 12.47 -37.59
N HIS A 110 -5.62 11.57 -38.10
CA HIS A 110 -6.33 11.78 -39.35
C HIS A 110 -7.82 11.58 -39.11
N ALA A 111 -8.63 12.42 -39.78
CA ALA A 111 -10.08 12.36 -39.58
C ALA A 111 -10.63 10.98 -39.92
N SER A 112 -10.04 10.28 -40.89
CA SER A 112 -10.55 8.98 -41.30
C SER A 112 -10.46 7.95 -40.19
N LEU A 113 -9.62 8.16 -39.18
CA LEU A 113 -9.49 7.23 -38.07
C LEU A 113 -10.33 7.61 -36.86
N GLN A 114 -10.97 8.79 -36.87
CA GLN A 114 -11.74 9.29 -35.75
C GLN A 114 -13.16 8.74 -35.77
N PRO A 115 -13.83 8.71 -34.63
CA PRO A 115 -15.25 8.34 -34.62
C PRO A 115 -16.07 9.27 -35.49
N GLY A 116 -16.91 8.68 -36.34
CA GLY A 116 -17.69 9.45 -37.28
C GLY A 116 -16.89 10.17 -38.35
N GLY A 117 -15.60 9.86 -38.48
CA GLY A 117 -14.77 10.54 -39.46
C GLY A 117 -14.58 12.02 -39.20
N GLN A 118 -14.69 12.44 -37.95
CA GLN A 118 -14.65 13.86 -37.61
C GLN A 118 -13.22 14.31 -37.36
N ALA A 119 -13.07 15.62 -37.15
CA ALA A 119 -11.75 16.19 -36.92
C ALA A 119 -11.20 15.74 -35.57
N PRO A 120 -9.91 15.47 -35.48
CA PRO A 120 -9.31 15.15 -34.18
C PRO A 120 -9.34 16.36 -33.26
N VAL A 121 -9.06 16.11 -31.99
CA VAL A 121 -9.14 17.14 -30.97
C VAL A 121 -7.72 17.54 -30.55
N ALA A 122 -7.63 18.73 -29.99
CA ALA A 122 -6.36 19.31 -29.55
C ALA A 122 -6.66 20.47 -28.63
N PRO A 123 -5.68 20.94 -27.85
CA PRO A 123 -5.92 22.14 -27.03
C PRO A 123 -6.30 23.36 -27.86
N SER A 124 -5.74 23.49 -29.05
CA SER A 124 -6.06 24.60 -29.93
C SER A 124 -6.20 24.09 -31.36
N ALA A 125 -6.94 24.85 -32.17
CA ALA A 125 -7.15 24.50 -33.59
C ALA A 125 -5.93 24.96 -34.38
N LEU A 126 -4.85 24.20 -34.23
CA LEU A 126 -3.59 24.47 -34.91
C LEU A 126 -3.08 23.18 -35.52
N SER A 127 -2.78 23.21 -36.81
CA SER A 127 -2.29 22.03 -37.50
C SER A 127 -0.97 21.55 -36.91
N ALA A 128 -0.82 20.24 -36.80
CA ALA A 128 0.42 19.67 -36.28
C ALA A 128 1.59 19.90 -37.22
N GLY A 129 1.33 20.13 -38.49
CA GLY A 129 2.41 20.33 -39.45
C GLY A 129 3.28 19.12 -39.65
N THR A 130 2.72 17.93 -39.55
CA THR A 130 3.47 16.69 -39.71
C THR A 130 2.52 15.64 -40.28
N ARG A 131 2.95 14.38 -40.25
CA ARG A 131 2.21 13.29 -40.84
C ARG A 131 1.95 12.20 -39.80
N THR A 132 0.94 11.38 -40.09
CA THR A 132 0.64 10.18 -39.32
C THR A 132 0.60 9.00 -40.28
N SER A 133 0.42 7.80 -39.73
CA SER A 133 0.45 6.57 -40.51
C SER A 133 -0.97 6.03 -40.66
N LEU A 134 -1.39 5.84 -41.91
CA LEU A 134 -2.63 5.15 -42.24
C LEU A 134 -2.30 3.78 -42.80
N ARG A 135 -3.31 3.08 -43.31
CA ARG A 135 -3.13 1.82 -44.00
C ARG A 135 -3.72 1.91 -45.40
N ASP A 136 -2.95 1.52 -46.40
CA ASP A 136 -3.39 1.61 -47.79
C ASP A 136 -4.33 0.45 -48.12
N GLU A 137 -4.66 0.30 -49.40
CA GLU A 137 -5.55 -0.77 -49.82
C GLU A 137 -4.95 -2.15 -49.56
N ASN A 138 -3.63 -2.27 -49.61
CA ASN A 138 -2.96 -3.53 -49.33
C ASN A 138 -2.88 -3.84 -47.84
N GLY A 139 -3.22 -2.88 -46.98
CA GLY A 139 -3.08 -3.05 -45.55
C GLY A 139 -1.75 -2.63 -44.97
N GLN A 140 -0.87 -2.04 -45.78
CA GLN A 140 0.44 -1.62 -45.32
C GLN A 140 0.41 -0.17 -44.86
N ALA A 141 1.38 0.19 -44.02
CA ALA A 141 1.44 1.52 -43.45
C ALA A 141 1.85 2.54 -44.51
N ILE A 142 1.15 3.67 -44.53
CA ILE A 142 1.46 4.78 -45.42
C ILE A 142 1.38 6.08 -44.62
N ARG A 143 2.23 7.04 -44.99
CA ARG A 143 2.30 8.31 -44.29
C ARG A 143 1.39 9.33 -44.97
N VAL A 144 0.54 9.99 -44.17
CA VAL A 144 -0.41 10.98 -44.65
C VAL A 144 -0.37 12.17 -43.70
N GLU A 145 -0.54 13.36 -44.27
CA GLU A 145 -0.56 14.57 -43.45
C GLU A 145 -1.73 14.57 -42.50
N THR A 146 -1.51 15.07 -41.29
CA THR A 146 -2.53 15.05 -40.25
C THR A 146 -3.63 16.07 -40.56
N SER A 147 -4.83 15.77 -40.07
CA SER A 147 -5.98 16.62 -40.30
C SER A 147 -5.93 17.86 -39.38
N MET A 148 -6.63 18.90 -39.81
CA MET A 148 -6.82 20.07 -38.99
C MET A 148 -7.61 19.69 -37.74
N PRO A 149 -7.09 19.93 -36.54
CA PRO A 149 -7.79 19.50 -35.34
C PRO A 149 -8.87 20.49 -34.92
N ARG A 150 -9.70 20.04 -33.97
CA ARG A 150 -10.71 20.86 -33.33
C ARG A 150 -10.26 21.20 -31.92
N ALA A 151 -10.48 22.45 -31.52
CA ALA A 151 -10.14 22.86 -30.16
C ALA A 151 -11.07 22.18 -29.17
N LEU A 152 -10.49 21.58 -28.13
CA LEU A 152 -11.29 20.95 -27.09
C LEU A 152 -12.06 22.00 -26.31
N GLU A 153 -13.37 21.78 -26.14
CA GLU A 153 -14.15 22.63 -25.27
C GLU A 153 -13.77 22.37 -23.81
N LEU A 154 -13.93 23.40 -22.98
CA LEU A 154 -13.66 23.24 -21.55
C LEU A 154 -14.51 22.13 -20.96
N GLU A 155 -15.74 21.97 -21.45
CA GLU A 155 -16.63 20.91 -20.97
C GLU A 155 -16.10 19.52 -21.28
N GLU A 156 -15.24 19.37 -22.29
CA GLU A 156 -14.77 18.04 -22.69
C GLU A 156 -13.57 17.57 -21.89
N ILE A 157 -12.88 18.47 -21.17
CA ILE A 157 -11.63 18.09 -20.53
C ILE A 157 -11.83 17.05 -19.43
N PRO A 158 -12.84 17.14 -18.56
CA PRO A 158 -13.07 16.02 -17.62
C PRO A 158 -13.29 14.69 -18.31
N GLY A 159 -13.81 14.69 -19.54
CA GLY A 159 -13.93 13.45 -20.28
C GLY A 159 -12.60 12.88 -20.71
N ILE A 160 -11.63 13.75 -20.99
CA ILE A 160 -10.28 13.28 -21.32
C ILE A 160 -9.62 12.65 -20.09
N VAL A 161 -9.76 13.29 -18.93
CA VAL A 161 -9.18 12.74 -17.71
C VAL A 161 -9.85 11.42 -17.35
N ASN A 162 -11.16 11.31 -17.56
CA ASN A 162 -11.84 10.06 -17.26
C ASN A 162 -11.43 8.96 -18.25
N ASP A 163 -11.12 9.32 -19.49
CA ASP A 163 -10.63 8.33 -20.44
C ASP A 163 -9.28 7.77 -19.99
N PHE A 164 -8.39 8.63 -19.51
CA PHE A 164 -7.11 8.15 -18.97
C PHE A 164 -7.33 7.31 -17.72
N ARG A 165 -8.23 7.73 -16.84
CA ARG A 165 -8.48 6.98 -15.61
C ARG A 165 -9.02 5.59 -15.93
N GLN A 166 -10.00 5.50 -16.83
CA GLN A 166 -10.57 4.21 -17.19
C GLN A 166 -9.52 3.32 -17.85
N ALA A 167 -8.69 3.90 -18.72
CA ALA A 167 -7.62 3.11 -19.33
C ALA A 167 -6.63 2.60 -18.29
N ILE A 168 -6.40 3.37 -17.23
CA ILE A 168 -5.53 2.92 -16.15
C ILE A 168 -6.17 1.75 -15.41
N ALA A 169 -7.49 1.83 -15.17
CA ALA A 169 -8.19 0.70 -14.59
C ALA A 169 -8.19 -0.48 -15.54
N ASN A 170 -8.32 -0.23 -16.84
CA ASN A 170 -8.23 -1.31 -17.82
C ASN A 170 -6.84 -1.94 -17.82
N ALA A 171 -5.81 -1.12 -17.64
CA ALA A 171 -4.45 -1.64 -17.59
C ALA A 171 -4.25 -2.60 -16.42
N ARG A 172 -4.83 -2.25 -15.27
CA ARG A 172 -4.76 -3.14 -14.11
C ARG A 172 -5.49 -4.45 -14.36
N GLU A 173 -6.65 -4.39 -15.02
CA GLU A 173 -7.39 -5.60 -15.31
C GLU A 173 -6.65 -6.47 -16.33
N ALA A 174 -5.97 -5.85 -17.29
CA ALA A 174 -5.21 -6.59 -18.30
C ALA A 174 -3.90 -7.15 -17.76
N GLY A 175 -3.58 -6.91 -16.49
CA GLY A 175 -2.43 -7.51 -15.87
C GLY A 175 -1.13 -6.75 -16.01
N PHE A 176 -1.17 -5.51 -16.48
CA PHE A 176 0.06 -4.72 -16.55
C PHE A 176 0.58 -4.40 -15.15
N ASP A 177 1.91 -4.30 -15.04
CA ASP A 177 2.51 -3.95 -13.77
C ASP A 177 2.47 -2.44 -13.53
N LEU A 178 2.64 -1.65 -14.58
CA LEU A 178 2.74 -0.20 -14.47
C LEU A 178 2.04 0.46 -15.64
N VAL A 179 1.84 1.77 -15.52
CA VAL A 179 1.25 2.60 -16.55
C VAL A 179 2.22 3.73 -16.85
N GLU A 180 2.42 4.01 -18.15
CA GLU A 180 3.23 5.13 -18.59
C GLU A 180 2.35 6.11 -19.34
N LEU A 181 2.08 7.26 -18.72
CA LEU A 181 1.36 8.33 -19.40
C LEU A 181 2.24 8.93 -20.48
N HIS A 182 1.75 8.96 -21.72
CA HIS A 182 2.52 9.47 -22.85
C HIS A 182 2.30 10.98 -22.92
N SER A 183 3.21 11.71 -22.29
CA SER A 183 3.17 13.18 -22.25
C SER A 183 4.30 13.78 -23.07
N ALA A 184 4.63 13.16 -24.20
CA ALA A 184 5.79 13.56 -24.99
C ALA A 184 5.46 13.45 -26.47
N HIS A 185 6.44 13.83 -27.29
CA HIS A 185 6.45 13.58 -28.74
C HIS A 185 5.25 14.23 -29.44
N GLY A 186 4.80 15.38 -28.95
CA GLY A 186 3.80 16.15 -29.64
C GLY A 186 2.40 15.59 -29.61
N PHE A 187 2.10 14.70 -28.67
CA PHE A 187 0.75 14.16 -28.55
C PHE A 187 -0.02 15.01 -27.54
N LEU A 188 -1.25 14.59 -27.21
CA LEU A 188 -2.23 15.50 -26.59
C LEU A 188 -1.68 16.12 -25.30
N LEU A 189 -1.15 15.30 -24.40
CA LEU A 189 -0.63 15.83 -23.14
C LEU A 189 0.51 16.80 -23.38
N HIS A 190 1.38 16.49 -24.34
CA HIS A 190 2.46 17.41 -24.68
C HIS A 190 1.92 18.65 -25.39
N GLN A 191 0.88 18.51 -26.20
CA GLN A 191 0.28 19.66 -26.87
C GLN A 191 -0.21 20.69 -25.87
N PHE A 192 -0.78 20.24 -24.75
CA PHE A 192 -1.18 21.17 -23.70
C PHE A 192 0.02 21.79 -23.01
N LEU A 193 1.11 21.03 -22.85
CA LEU A 193 2.27 21.54 -22.15
C LEU A 193 2.98 22.64 -22.94
N SER A 194 3.05 22.49 -24.26
CA SER A 194 3.88 23.38 -25.08
C SER A 194 3.16 24.70 -25.33
N PRO A 195 3.83 25.84 -25.16
CA PRO A 195 3.21 27.12 -25.53
C PRO A 195 2.99 27.27 -27.03
N SER A 196 3.73 26.54 -27.86
CA SER A 196 3.58 26.67 -29.30
C SER A 196 2.27 26.04 -29.78
N SER A 197 1.85 24.95 -29.14
CA SER A 197 0.64 24.25 -29.53
C SER A 197 -0.57 24.60 -28.67
N ASN A 198 -0.36 25.20 -27.50
CA ASN A 198 -1.43 25.57 -26.58
C ASN A 198 -1.58 27.09 -26.60
N HIS A 199 -2.66 27.57 -27.22
CA HIS A 199 -3.01 28.98 -27.24
C HIS A 199 -4.31 29.26 -26.49
N ARG A 200 -4.66 28.38 -25.55
CA ARG A 200 -5.90 28.54 -24.80
C ARG A 200 -5.81 29.72 -23.85
N THR A 201 -6.97 30.33 -23.58
CA THR A 201 -7.07 31.45 -22.66
C THR A 201 -7.84 31.13 -21.39
N ASP A 202 -8.30 29.89 -21.23
CA ASP A 202 -8.94 29.47 -19.98
C ASP A 202 -7.87 28.92 -19.04
N GLN A 203 -8.28 28.19 -18.00
CA GLN A 203 -7.29 27.72 -17.03
C GLN A 203 -6.42 26.57 -17.54
N TYR A 204 -6.49 26.22 -18.82
CA TYR A 204 -5.63 25.19 -19.40
C TYR A 204 -4.67 25.75 -20.44
N GLY A 205 -4.42 27.07 -20.40
CA GLY A 205 -3.47 27.69 -21.30
C GLY A 205 -2.87 28.92 -20.67
N GLY A 206 -1.75 29.36 -21.23
CA GLY A 206 -1.08 30.56 -20.74
C GLY A 206 0.08 30.27 -19.82
N SER A 207 -0.15 30.37 -18.51
CA SER A 207 0.91 30.12 -17.54
C SER A 207 1.29 28.64 -17.54
N VAL A 208 2.47 28.35 -16.99
CA VAL A 208 2.98 26.99 -17.02
C VAL A 208 2.12 26.08 -16.13
N GLU A 209 1.60 26.60 -15.02
CA GLU A 209 0.71 25.80 -14.19
C GLU A 209 -0.59 25.50 -14.91
N ASN A 210 -1.05 26.40 -15.77
CA ASN A 210 -2.23 26.13 -16.57
C ASN A 210 -1.93 25.13 -17.69
N ARG A 211 -0.75 25.24 -18.30
CA ARG A 211 -0.38 24.31 -19.36
C ARG A 211 -0.13 22.91 -18.81
N ALA A 212 0.34 22.80 -17.57
CA ALA A 212 0.58 21.51 -16.93
C ALA A 212 -0.65 20.99 -16.19
N ARG A 213 -1.76 21.74 -16.21
CA ARG A 213 -2.92 21.36 -15.41
C ARG A 213 -3.50 20.01 -15.85
N LEU A 214 -3.65 19.82 -17.17
CA LEU A 214 -4.29 18.61 -17.66
C LEU A 214 -3.50 17.36 -17.31
N VAL A 215 -2.18 17.39 -17.56
CA VAL A 215 -1.36 16.20 -17.30
C VAL A 215 -1.32 15.89 -15.82
N LEU A 216 -1.31 16.92 -14.98
CA LEU A 216 -1.30 16.70 -13.54
C LEU A 216 -2.67 16.23 -13.03
N GLU A 217 -3.75 16.63 -13.70
CA GLU A 217 -5.06 16.06 -13.39
C GLU A 217 -5.12 14.59 -13.77
N VAL A 218 -4.41 14.19 -14.83
CA VAL A 218 -4.39 12.79 -15.23
C VAL A 218 -3.54 11.98 -14.24
N VAL A 219 -2.41 12.55 -13.80
CA VAL A 219 -1.58 11.87 -12.82
C VAL A 219 -2.36 11.68 -11.51
N ASP A 220 -3.04 12.74 -11.06
CA ASP A 220 -3.81 12.64 -9.83
C ASP A 220 -4.94 11.64 -9.97
N ALA A 221 -5.59 11.58 -11.13
CA ALA A 221 -6.64 10.59 -11.35
C ALA A 221 -6.06 9.19 -11.38
N GLY A 222 -4.84 9.02 -11.91
CA GLY A 222 -4.21 7.72 -11.88
C GLY A 222 -3.81 7.28 -10.49
N ILE A 223 -3.38 8.25 -9.66
CA ILE A 223 -3.00 7.94 -8.28
C ILE A 223 -4.23 7.47 -7.50
N GLU A 224 -5.35 8.18 -7.66
CA GLU A 224 -6.57 7.80 -6.95
C GLU A 224 -7.15 6.50 -7.51
N GLU A 225 -6.91 6.21 -8.79
CA GLU A 225 -7.48 5.00 -9.39
C GLU A 225 -6.68 3.75 -9.04
N TRP A 226 -5.35 3.87 -8.95
CA TRP A 226 -4.51 2.69 -8.76
C TRP A 226 -3.43 2.92 -7.71
N GLY A 227 -2.76 4.06 -7.78
CA GLY A 227 -1.71 4.40 -6.83
C GLY A 227 -0.51 5.01 -7.51
N ALA A 228 0.20 5.87 -6.76
CA ALA A 228 1.35 6.56 -7.32
C ALA A 228 2.46 5.60 -7.73
N ASP A 229 2.59 4.46 -7.03
CA ASP A 229 3.62 3.48 -7.36
C ASP A 229 3.27 2.64 -8.59
N ARG A 230 2.19 2.99 -9.30
CA ARG A 230 1.83 2.33 -10.54
C ARG A 230 1.86 3.27 -11.74
N ILE A 231 2.10 4.55 -11.53
CA ILE A 231 1.95 5.56 -12.57
C ILE A 231 3.33 6.07 -12.96
N GLY A 232 3.77 5.70 -14.16
CA GLY A 232 4.91 6.33 -14.79
C GLY A 232 4.46 7.36 -15.81
N ILE A 233 5.40 8.19 -16.24
CA ILE A 233 5.11 9.23 -17.22
C ILE A 233 6.35 9.42 -18.10
N ARG A 234 6.13 9.60 -19.39
CA ARG A 234 7.20 9.90 -20.33
C ARG A 234 7.06 11.34 -20.79
N VAL A 235 8.18 12.07 -20.73
CA VAL A 235 8.21 13.47 -21.13
C VAL A 235 9.32 13.66 -22.16
N SER A 236 9.14 14.66 -23.02
CA SER A 236 10.18 15.15 -23.92
C SER A 236 10.19 16.66 -23.83
N PRO A 237 10.63 17.21 -22.69
CA PRO A 237 10.43 18.63 -22.41
C PRO A 237 11.51 19.57 -22.94
N ILE A 238 12.56 19.03 -23.55
CA ILE A 238 13.63 19.82 -24.13
C ILE A 238 13.77 19.42 -25.60
N GLY A 239 13.64 20.40 -26.49
CA GLY A 239 13.84 20.17 -27.91
C GLY A 239 12.53 20.13 -28.68
N THR A 240 12.64 19.66 -29.93
CA THR A 240 11.52 19.59 -30.85
C THR A 240 11.29 18.14 -31.26
N PHE A 241 10.02 17.72 -31.22
CA PHE A 241 9.65 16.36 -31.57
C PHE A 241 8.39 16.40 -32.41
N GLN A 242 8.46 15.86 -33.63
CA GLN A 242 7.33 15.84 -34.57
C GLN A 242 6.79 17.24 -34.80
N ASN A 243 7.70 18.17 -35.09
CA ASN A 243 7.37 19.56 -35.42
C ASN A 243 6.70 20.30 -34.26
N THR A 244 6.88 19.82 -33.03
CA THR A 244 6.32 20.46 -31.84
C THR A 244 7.45 20.72 -30.85
N ASP A 245 7.82 21.99 -30.69
CA ASP A 245 8.85 22.37 -29.75
C ASP A 245 8.25 22.57 -28.35
N ASN A 246 9.10 22.92 -27.39
CA ASN A 246 8.68 23.09 -26.00
C ASN A 246 8.64 24.55 -25.58
N GLY A 247 8.62 25.48 -26.53
CA GLY A 247 8.52 26.89 -26.22
C GLY A 247 9.86 27.51 -25.90
N PRO A 248 9.87 28.83 -25.73
CA PRO A 248 11.12 29.55 -25.47
C PRO A 248 11.60 29.49 -24.03
N ASN A 249 10.82 28.89 -23.13
CA ASN A 249 11.19 28.76 -21.72
C ASN A 249 11.22 27.29 -21.32
N GLU A 250 11.79 26.45 -22.19
CA GLU A 250 11.61 25.01 -22.05
C GLU A 250 12.28 24.47 -20.79
N GLU A 251 13.45 25.00 -20.43
CA GLU A 251 14.17 24.46 -19.28
C GLU A 251 13.44 24.79 -17.98
N ALA A 252 13.01 26.05 -17.81
CA ALA A 252 12.28 26.42 -16.61
C ALA A 252 10.91 25.76 -16.57
N ASP A 253 10.26 25.60 -17.72
CA ASP A 253 8.96 24.91 -17.75
C ASP A 253 9.11 23.43 -17.46
N ALA A 254 10.21 22.81 -17.91
CA ALA A 254 10.43 21.40 -17.63
C ALA A 254 10.64 21.16 -16.14
N LEU A 255 11.44 22.02 -15.49
CA LEU A 255 11.72 21.83 -14.08
C LEU A 255 10.48 22.04 -13.22
N TYR A 256 9.55 22.90 -13.65
CA TYR A 256 8.30 23.05 -12.92
C TYR A 256 7.48 21.76 -12.96
N LEU A 257 7.26 21.22 -14.16
CA LEU A 257 6.47 20.00 -14.30
C LEU A 257 7.12 18.84 -13.54
N ILE A 258 8.43 18.70 -13.69
CA ILE A 258 9.15 17.60 -13.02
C ILE A 258 9.02 17.73 -11.51
N GLU A 259 9.13 18.95 -10.99
CA GLU A 259 8.95 19.16 -9.55
C GLU A 259 7.56 18.77 -9.11
N GLN A 260 6.54 19.10 -9.90
CA GLN A 260 5.18 18.71 -9.57
C GLN A 260 5.01 17.20 -9.56
N LEU A 261 5.59 16.52 -10.56
CA LEU A 261 5.56 15.06 -10.57
C LEU A 261 6.34 14.48 -9.39
N GLY A 262 7.45 15.12 -9.02
CA GLY A 262 8.26 14.61 -7.93
C GLY A 262 7.56 14.67 -6.58
N LYS A 263 6.77 15.73 -6.35
CA LYS A 263 6.04 15.84 -5.10
C LYS A 263 5.04 14.70 -4.91
N ARG A 264 4.48 14.21 -6.02
CA ARG A 264 3.50 13.13 -5.94
C ARG A 264 4.12 11.75 -5.78
N GLY A 265 5.44 11.65 -5.89
CA GLY A 265 6.13 10.39 -5.70
C GLY A 265 5.66 9.28 -6.63
N ILE A 266 5.53 9.59 -7.91
CA ILE A 266 5.04 8.62 -8.90
C ILE A 266 6.11 7.56 -9.14
N ALA A 267 5.76 6.55 -9.94
CA ALA A 267 6.62 5.38 -10.10
C ALA A 267 7.97 5.75 -10.71
N TYR A 268 7.97 6.41 -11.87
CA TYR A 268 9.22 6.80 -12.50
C TYR A 268 8.98 7.99 -13.42
N LEU A 269 10.10 8.59 -13.85
CA LEU A 269 10.10 9.64 -14.86
C LEU A 269 10.94 9.15 -16.04
N HIS A 270 10.31 9.04 -17.21
CA HIS A 270 10.95 8.56 -18.41
C HIS A 270 11.17 9.76 -19.32
N MET A 271 12.43 10.13 -19.55
CA MET A 271 12.79 11.33 -20.31
C MET A 271 13.27 10.94 -21.70
N SER A 272 12.56 11.40 -22.73
CA SER A 272 12.99 11.25 -24.11
C SER A 272 13.86 12.45 -24.46
N GLU A 273 15.16 12.20 -24.66
CA GLU A 273 16.17 13.24 -24.79
C GLU A 273 16.32 13.67 -26.23
N PRO A 274 16.80 14.89 -26.48
CA PRO A 274 16.84 15.42 -27.85
C PRO A 274 17.93 14.84 -28.74
N ASP A 275 18.76 13.92 -28.21
CA ASP A 275 19.87 13.38 -28.99
C ASP A 275 19.37 12.66 -30.24
N TRP A 276 18.51 11.66 -30.07
CA TRP A 276 18.02 10.89 -31.21
C TRP A 276 17.14 11.73 -32.13
N ALA A 277 16.54 12.80 -31.61
CA ALA A 277 15.71 13.69 -32.42
C ALA A 277 16.52 14.77 -33.11
N GLY A 278 17.85 14.73 -33.02
CA GLY A 278 18.69 15.71 -33.66
C GLY A 278 18.80 17.01 -32.87
N GLY A 279 19.33 16.92 -31.65
CA GLY A 279 19.48 18.08 -30.81
C GLY A 279 20.65 17.91 -29.86
N GLU A 280 21.05 19.02 -29.26
CA GLU A 280 22.17 19.00 -28.32
C GLU A 280 21.76 18.28 -27.06
N PRO A 281 22.59 17.39 -26.52
CA PRO A 281 22.19 16.59 -25.36
C PRO A 281 22.01 17.44 -24.11
N TYR A 282 21.48 16.79 -23.08
CA TYR A 282 21.39 17.43 -21.77
C TYR A 282 22.78 17.71 -21.22
N THR A 283 22.89 18.80 -20.46
CA THR A 283 24.09 19.02 -19.68
C THR A 283 23.98 18.30 -18.35
N ASP A 284 25.14 18.06 -17.72
CA ASP A 284 25.13 17.50 -16.37
C ASP A 284 24.44 18.45 -15.40
N ALA A 285 24.53 19.76 -15.64
CA ALA A 285 23.88 20.72 -14.76
C ALA A 285 22.37 20.61 -14.83
N PHE A 286 21.83 20.33 -16.01
CA PHE A 286 20.38 20.17 -16.13
C PHE A 286 19.91 18.86 -15.52
N ARG A 287 20.68 17.79 -15.71
CA ARG A 287 20.33 16.50 -15.11
C ARG A 287 20.33 16.59 -13.59
N GLU A 288 21.26 17.35 -13.02
CA GLU A 288 21.28 17.55 -11.58
C GLU A 288 20.06 18.32 -11.10
N LYS A 289 19.62 19.31 -11.90
CA LYS A 289 18.40 20.03 -11.56
C LYS A 289 17.18 19.12 -11.61
N VAL A 290 17.15 18.18 -12.56
CA VAL A 290 16.07 17.21 -12.62
C VAL A 290 16.11 16.29 -11.40
N ARG A 291 17.30 15.79 -11.06
CA ARG A 291 17.43 14.87 -9.94
C ARG A 291 17.04 15.52 -8.62
N ALA A 292 17.32 16.82 -8.47
CA ALA A 292 16.95 17.51 -7.24
C ALA A 292 15.45 17.68 -7.10
N ARG A 293 14.70 17.66 -8.19
CA ARG A 293 13.26 17.86 -8.17
C ARG A 293 12.47 16.57 -8.29
N PHE A 294 13.04 15.54 -8.90
CA PHE A 294 12.39 14.23 -8.99
C PHE A 294 13.27 13.22 -8.27
N HIS A 295 12.70 12.56 -7.28
CA HIS A 295 13.46 11.65 -6.43
C HIS A 295 13.35 10.19 -6.86
N GLY A 296 12.23 9.79 -7.45
CA GLY A 296 12.07 8.43 -7.90
C GLY A 296 13.00 8.10 -9.05
N PRO A 297 12.86 6.87 -9.57
CA PRO A 297 13.73 6.45 -10.68
C PRO A 297 13.55 7.31 -11.91
N ILE A 298 14.67 7.62 -12.56
CA ILE A 298 14.70 8.37 -13.80
C ILE A 298 15.20 7.45 -14.91
N ILE A 299 14.46 7.39 -16.01
CA ILE A 299 14.79 6.54 -17.15
C ILE A 299 15.16 7.45 -18.32
N GLY A 300 16.37 7.29 -18.82
CA GLY A 300 16.83 8.04 -19.97
C GLY A 300 16.71 7.20 -21.24
N ALA A 301 16.35 7.87 -22.34
CA ALA A 301 16.20 7.18 -23.61
C ALA A 301 16.52 8.16 -24.74
N GLY A 302 16.94 7.60 -25.88
CA GLY A 302 17.23 8.41 -27.05
C GLY A 302 18.71 8.44 -27.39
N ALA A 303 19.10 7.70 -28.43
CA ALA A 303 20.48 7.66 -28.92
C ALA A 303 21.45 7.29 -27.81
N TYR A 304 21.08 6.28 -27.02
CA TYR A 304 21.89 5.85 -25.88
C TYR A 304 22.84 4.73 -26.29
N THR A 305 23.93 4.63 -25.53
CA THR A 305 24.87 3.52 -25.61
C THR A 305 25.11 2.99 -24.21
N VAL A 306 25.74 1.82 -24.13
CA VAL A 306 26.01 1.23 -22.82
C VAL A 306 26.97 2.12 -22.03
N GLU A 307 27.89 2.80 -22.71
CA GLU A 307 28.83 3.67 -22.01
C GLU A 307 28.12 4.91 -21.48
N LYS A 308 27.26 5.53 -22.30
CA LYS A 308 26.50 6.68 -21.82
C LYS A 308 25.58 6.29 -20.68
N ALA A 309 24.99 5.09 -20.74
CA ALA A 309 24.12 4.65 -19.66
C ALA A 309 24.91 4.38 -18.39
N GLU A 310 26.08 3.74 -18.50
CA GLU A 310 26.85 3.41 -17.31
C GLU A 310 27.41 4.66 -16.64
N THR A 311 27.82 5.65 -17.44
CA THR A 311 28.35 6.89 -16.86
C THR A 311 27.26 7.64 -16.10
N LEU A 312 26.09 7.81 -16.71
CA LEU A 312 25.02 8.58 -16.07
C LEU A 312 24.49 7.86 -14.85
N ILE A 313 24.36 6.54 -14.91
CA ILE A 313 23.92 5.79 -13.73
C ILE A 313 24.97 5.85 -12.64
N GLY A 314 26.25 5.77 -13.01
CA GLY A 314 27.32 5.92 -12.02
C GLY A 314 27.28 7.26 -11.32
N LYS A 315 27.00 8.34 -12.08
CA LYS A 315 26.84 9.66 -11.49
C LYS A 315 25.50 9.84 -10.78
N GLY A 316 24.64 8.83 -10.79
CA GLY A 316 23.34 8.96 -10.15
C GLY A 316 22.40 9.93 -10.81
N LEU A 317 22.65 10.29 -12.07
CA LEU A 317 21.76 11.20 -12.78
C LEU A 317 20.54 10.49 -13.35
N ILE A 318 20.71 9.22 -13.75
CA ILE A 318 19.59 8.37 -14.16
C ILE A 318 19.73 7.04 -13.44
N ASP A 319 18.63 6.28 -13.43
CA ASP A 319 18.59 4.98 -12.78
C ASP A 319 18.46 3.81 -13.74
N ALA A 320 18.01 4.06 -14.97
CA ALA A 320 17.87 3.01 -15.98
C ALA A 320 17.93 3.66 -17.35
N VAL A 321 18.07 2.81 -18.37
CA VAL A 321 18.11 3.26 -19.76
C VAL A 321 17.09 2.46 -20.55
N ALA A 322 16.42 3.13 -21.48
CA ALA A 322 15.46 2.50 -22.36
C ALA A 322 16.00 2.53 -23.78
N PHE A 323 16.23 1.35 -24.36
CA PHE A 323 16.63 1.24 -25.75
C PHE A 323 15.41 0.99 -26.62
N GLY A 324 15.43 1.55 -27.82
CA GLY A 324 14.33 1.36 -28.75
C GLY A 324 14.68 0.44 -29.91
N ARG A 325 15.41 0.98 -30.89
CA ARG A 325 15.71 0.22 -32.10
C ARG A 325 16.54 -1.02 -31.80
N ASP A 326 17.40 -0.97 -30.78
CA ASP A 326 18.22 -2.15 -30.46
C ASP A 326 17.37 -3.31 -29.97
N TRP A 327 16.26 -3.03 -29.28
CA TRP A 327 15.35 -4.09 -28.87
C TRP A 327 14.53 -4.64 -30.02
N ILE A 328 14.24 -3.81 -31.03
CA ILE A 328 13.49 -4.27 -32.19
C ILE A 328 14.22 -5.45 -32.85
N ALA A 329 15.54 -5.32 -33.02
CA ALA A 329 16.32 -6.29 -33.76
C ALA A 329 16.97 -7.35 -32.89
N ASN A 330 16.96 -7.19 -31.57
CA ASN A 330 17.67 -8.11 -30.66
C ASN A 330 16.73 -8.54 -29.55
N PRO A 331 16.07 -9.70 -29.70
CA PRO A 331 15.19 -10.18 -28.63
C PRO A 331 15.92 -10.51 -27.35
N ASP A 332 17.21 -10.82 -27.41
CA ASP A 332 18.01 -11.04 -26.21
C ASP A 332 19.06 -9.94 -26.06
N LEU A 333 18.61 -8.69 -26.05
CA LEU A 333 19.54 -7.56 -26.00
C LEU A 333 20.33 -7.55 -24.69
N VAL A 334 19.70 -7.94 -23.58
CA VAL A 334 20.39 -7.95 -22.29
C VAL A 334 21.55 -8.93 -22.33
N ALA A 335 21.32 -10.12 -22.86
CA ALA A 335 22.39 -11.12 -22.94
C ALA A 335 23.49 -10.66 -23.89
N ARG A 336 23.13 -10.03 -25.00
CA ARG A 336 24.13 -9.55 -25.95
C ARG A 336 24.98 -8.45 -25.36
N LEU A 337 24.36 -7.51 -24.64
CA LEU A 337 25.13 -6.43 -24.04
C LEU A 337 26.02 -6.93 -22.91
N GLN A 338 25.54 -7.92 -22.15
CA GLN A 338 26.32 -8.44 -21.04
C GLN A 338 27.53 -9.22 -21.56
N ARG A 339 27.34 -10.01 -22.61
CA ARG A 339 28.41 -10.80 -23.20
C ARG A 339 29.22 -10.03 -24.24
N LYS A 340 29.00 -8.71 -24.36
CA LYS A 340 29.72 -7.87 -25.32
C LYS A 340 29.58 -8.41 -26.75
N ALA A 341 28.44 -9.03 -27.04
CA ALA A 341 28.22 -9.60 -28.36
C ALA A 341 27.69 -8.56 -29.33
N GLU A 342 27.91 -8.82 -30.62
CA GLU A 342 27.40 -7.93 -31.65
C GLU A 342 25.89 -8.03 -31.73
N LEU A 343 25.27 -6.97 -32.23
CA LEU A 343 23.83 -6.90 -32.37
C LEU A 343 23.41 -7.25 -33.79
N ASN A 344 22.19 -7.76 -33.93
CA ASN A 344 21.65 -8.01 -35.24
C ASN A 344 21.43 -6.69 -35.98
N PRO A 345 21.61 -6.68 -37.30
CA PRO A 345 21.27 -5.48 -38.07
C PRO A 345 19.77 -5.25 -38.08
N GLN A 346 19.39 -3.98 -38.14
CA GLN A 346 17.98 -3.60 -38.14
C GLN A 346 17.43 -3.58 -39.56
N ARG A 347 16.22 -4.08 -39.71
CA ARG A 347 15.50 -4.06 -40.98
C ARG A 347 14.38 -3.02 -40.85
N ALA A 348 14.72 -1.77 -41.15
CA ALA A 348 13.79 -0.66 -40.93
C ALA A 348 12.57 -0.72 -41.83
N GLU A 349 12.66 -1.42 -42.98
CA GLU A 349 11.51 -1.53 -43.87
C GLU A 349 10.36 -2.30 -43.25
N SER A 350 10.62 -3.07 -42.19
CA SER A 350 9.59 -3.87 -41.53
C SER A 350 9.30 -3.37 -40.11
N PHE A 351 9.67 -2.13 -39.79
CA PHE A 351 9.33 -1.56 -38.49
C PHE A 351 7.82 -1.47 -38.32
N TYR A 352 7.13 -0.98 -39.35
CA TYR A 352 5.72 -0.65 -39.26
C TYR A 352 4.90 -1.55 -40.18
N GLY A 353 3.79 -2.05 -39.66
CA GLY A 353 2.90 -2.89 -40.44
C GLY A 353 3.54 -4.23 -40.79
N GLY A 354 2.79 -5.00 -41.57
CA GLY A 354 3.25 -6.31 -41.99
C GLY A 354 2.94 -7.39 -40.98
N GLY A 355 3.72 -8.47 -40.98
CA GLY A 355 3.48 -9.56 -40.07
C GLY A 355 4.69 -9.96 -39.25
N ALA A 356 5.00 -11.26 -39.24
CA ALA A 356 6.09 -11.76 -38.41
C ALA A 356 7.46 -11.28 -38.89
N GLU A 357 7.58 -11.00 -40.20
CA GLU A 357 8.88 -10.63 -40.76
C GLU A 357 9.30 -9.27 -40.23
N GLY A 358 10.53 -9.19 -39.72
CA GLY A 358 11.00 -7.97 -39.10
C GLY A 358 10.35 -7.66 -37.78
N TYR A 359 9.76 -8.67 -37.12
CA TYR A 359 8.99 -8.47 -35.90
C TYR A 359 9.33 -9.56 -34.90
N THR A 360 9.07 -10.81 -35.27
CA THR A 360 9.35 -11.97 -34.41
C THR A 360 10.41 -12.89 -35.00
N ASP A 361 11.05 -12.49 -36.10
CA ASP A 361 12.00 -13.36 -36.80
C ASP A 361 13.45 -12.94 -36.60
N TYR A 362 13.72 -12.04 -35.65
CA TYR A 362 15.10 -11.72 -35.31
C TYR A 362 15.67 -12.82 -34.42
N PRO A 363 16.85 -13.34 -34.73
CA PRO A 363 17.39 -14.46 -33.94
C PRO A 363 18.06 -14.00 -32.65
N THR A 364 18.09 -14.90 -31.69
CA THR A 364 18.87 -14.70 -30.48
C THR A 364 20.31 -15.16 -30.72
N LEU A 365 21.14 -15.05 -29.69
CA LEU A 365 22.52 -15.53 -29.77
C LEU A 365 22.55 -17.04 -29.96
N GLU B 4 -33.30 13.08 17.21
CA GLU B 4 -33.58 12.03 16.24
C GLU B 4 -32.30 11.56 15.56
N LYS B 5 -31.29 11.23 16.37
CA LYS B 5 -30.02 10.76 15.83
C LYS B 5 -30.19 9.49 15.01
N LEU B 6 -31.20 8.69 15.32
CA LEU B 6 -31.41 7.42 14.62
C LEU B 6 -31.64 7.61 13.12
N TYR B 7 -32.14 8.78 12.72
CA TYR B 7 -32.45 9.05 11.32
C TYR B 7 -31.44 9.98 10.68
N SER B 8 -30.28 10.17 11.30
CA SER B 8 -29.20 11.02 10.80
C SER B 8 -28.15 10.18 10.08
N PRO B 9 -27.42 10.77 9.13
CA PRO B 9 -26.41 10.01 8.40
C PRO B 9 -25.29 9.53 9.31
N LEU B 10 -24.54 8.54 8.81
CA LEU B 10 -23.40 7.99 9.52
C LEU B 10 -22.35 7.57 8.51
N LYS B 11 -21.11 7.99 8.74
CA LYS B 11 -20.01 7.57 7.89
C LYS B 11 -19.55 6.17 8.33
N VAL B 12 -19.58 5.22 7.39
CA VAL B 12 -19.19 3.84 7.65
C VAL B 12 -18.13 3.50 6.62
N GLY B 13 -16.86 3.60 7.01
CA GLY B 13 -15.77 3.34 6.10
C GLY B 13 -15.71 4.33 4.95
N ALA B 14 -15.77 3.82 3.72
CA ALA B 14 -15.63 4.64 2.53
C ALA B 14 -16.93 5.25 2.05
N ILE B 15 -18.06 4.94 2.69
CA ILE B 15 -19.36 5.45 2.27
C ILE B 15 -20.04 6.09 3.48
N THR B 16 -21.20 6.70 3.23
CA THR B 16 -22.00 7.37 4.25
C THR B 16 -23.40 6.78 4.21
N ALA B 17 -23.79 6.09 5.27
CA ALA B 17 -25.14 5.58 5.38
C ALA B 17 -26.11 6.73 5.59
N ALA B 18 -27.28 6.67 4.92
CA ALA B 18 -28.24 7.75 5.01
C ALA B 18 -28.90 7.82 6.39
N ASN B 19 -28.92 6.73 7.14
CA ASN B 19 -29.52 6.70 8.47
C ASN B 19 -28.85 5.62 9.28
N ARG B 20 -29.26 5.50 10.55
CA ARG B 20 -28.71 4.51 11.47
C ARG B 20 -29.53 3.23 11.51
N ILE B 21 -30.49 3.07 10.62
CA ILE B 21 -31.40 1.92 10.65
C ILE B 21 -30.93 0.98 9.55
N PHE B 22 -30.12 -0.01 9.93
CA PHE B 22 -29.54 -0.94 8.98
C PHE B 22 -30.41 -2.18 8.86
N MET B 23 -30.16 -2.94 7.79
CA MET B 23 -30.84 -4.20 7.52
C MET B 23 -29.84 -5.32 7.77
N ALA B 24 -30.10 -6.12 8.82
CA ALA B 24 -29.20 -7.20 9.18
C ALA B 24 -29.14 -8.25 8.05
N PRO B 25 -28.07 -9.04 8.02
CA PRO B 25 -28.01 -10.13 7.03
C PRO B 25 -29.11 -11.14 7.27
N LEU B 26 -29.83 -11.50 6.21
CA LEU B 26 -31.00 -12.36 6.32
C LEU B 26 -30.96 -13.43 5.23
N THR B 27 -30.56 -14.64 5.63
CA THR B 27 -30.61 -15.80 4.75
C THR B 27 -32.05 -16.12 4.37
N ARG B 28 -32.34 -16.11 3.06
CA ARG B 28 -33.67 -16.42 2.57
C ARG B 28 -33.73 -17.66 1.70
N LEU B 29 -32.59 -18.18 1.25
CA LEU B 29 -32.50 -19.48 0.58
C LEU B 29 -33.34 -19.54 -0.69
N ARG B 30 -33.19 -18.53 -1.53
CA ARG B 30 -33.97 -18.43 -2.77
C ARG B 30 -33.10 -18.37 -4.02
N SER B 31 -31.81 -18.68 -3.90
CA SER B 31 -30.94 -18.63 -5.07
C SER B 31 -31.21 -19.80 -6.01
N ILE B 32 -30.73 -19.66 -7.25
CA ILE B 32 -30.90 -20.72 -8.25
C ILE B 32 -29.93 -21.84 -7.94
N GLU B 33 -30.45 -23.08 -7.91
CA GLU B 33 -29.62 -24.26 -7.82
C GLU B 33 -29.82 -25.13 -9.05
N PRO B 34 -28.74 -25.70 -9.62
CA PRO B 34 -27.36 -25.53 -9.14
C PRO B 34 -26.73 -24.20 -9.55
N GLY B 35 -25.64 -23.83 -8.90
CA GLY B 35 -24.91 -22.62 -9.21
C GLY B 35 -24.90 -21.58 -8.11
N ASP B 36 -25.85 -21.63 -7.17
CA ASP B 36 -25.97 -20.64 -6.10
C ASP B 36 -26.03 -19.23 -6.68
N ILE B 37 -26.87 -19.07 -7.70
CA ILE B 37 -26.91 -17.83 -8.48
C ILE B 37 -27.94 -16.88 -7.88
N PRO B 38 -27.57 -15.63 -7.60
CA PRO B 38 -28.59 -14.65 -7.21
C PRO B 38 -29.57 -14.39 -8.35
N THR B 39 -30.81 -14.10 -7.98
CA THR B 39 -31.91 -14.02 -8.92
C THR B 39 -32.40 -12.59 -9.08
N PRO B 40 -33.09 -12.29 -10.19
CA PRO B 40 -33.75 -10.98 -10.30
C PRO B 40 -34.82 -10.76 -9.24
N LEU B 41 -35.42 -11.84 -8.74
CA LEU B 41 -36.34 -11.71 -7.62
C LEU B 41 -35.63 -11.19 -6.38
N MET B 42 -34.42 -11.68 -6.12
CA MET B 42 -33.62 -11.15 -5.03
C MET B 42 -33.23 -9.70 -5.28
N ALA B 43 -33.04 -9.33 -6.55
CA ALA B 43 -32.73 -7.93 -6.87
C ALA B 43 -33.87 -7.00 -6.48
N GLU B 44 -35.11 -7.40 -6.78
CA GLU B 44 -36.26 -6.59 -6.38
C GLU B 44 -36.39 -6.54 -4.86
N TYR B 45 -36.15 -7.68 -4.20
CA TYR B 45 -36.25 -7.74 -2.75
C TYR B 45 -35.32 -6.74 -2.08
N TYR B 46 -34.06 -6.68 -2.53
CA TYR B 46 -33.13 -5.72 -1.96
C TYR B 46 -33.43 -4.30 -2.43
N ARG B 47 -33.96 -4.14 -3.65
CA ARG B 47 -34.32 -2.81 -4.12
C ARG B 47 -35.43 -2.19 -3.29
N GLN B 48 -36.39 -3.02 -2.85
CA GLN B 48 -37.52 -2.52 -2.09
C GLN B 48 -37.08 -1.95 -0.74
N ARG B 49 -35.96 -2.43 -0.20
CA ARG B 49 -35.49 -2.02 1.12
C ARG B 49 -34.29 -1.08 1.05
N ALA B 50 -34.16 -0.35 -0.05
CA ALA B 50 -33.01 0.54 -0.24
C ALA B 50 -33.05 1.76 0.68
N SER B 51 -34.14 1.99 1.40
CA SER B 51 -34.19 3.11 2.32
C SER B 51 -33.33 2.89 3.55
N ALA B 52 -32.96 1.64 3.83
CA ALA B 52 -32.05 1.35 4.94
C ALA B 52 -30.75 2.11 4.77
N GLY B 53 -30.19 2.57 5.89
CA GLY B 53 -28.90 3.25 5.82
C GLY B 53 -27.83 2.37 5.20
N LEU B 54 -27.87 1.07 5.50
CA LEU B 54 -26.96 0.11 4.90
C LEU B 54 -27.66 -1.24 4.84
N ILE B 55 -27.67 -1.85 3.66
CA ILE B 55 -28.16 -3.20 3.50
C ILE B 55 -26.98 -4.16 3.63
N ILE B 56 -27.05 -5.05 4.60
CA ILE B 56 -26.09 -6.15 4.72
C ILE B 56 -26.74 -7.37 4.08
N SER B 57 -26.14 -7.85 2.99
CA SER B 57 -26.74 -8.93 2.22
C SER B 57 -26.84 -10.19 3.07
N GLU B 58 -27.62 -11.14 2.56
CA GLU B 58 -27.62 -12.48 3.15
C GLU B 58 -26.22 -13.07 3.08
N ALA B 59 -25.97 -14.03 3.97
CA ALA B 59 -24.67 -14.70 3.99
C ALA B 59 -24.39 -15.37 2.65
N THR B 60 -23.17 -15.18 2.14
CA THR B 60 -22.83 -15.53 0.77
C THR B 60 -21.54 -16.32 0.75
N GLN B 61 -21.53 -17.43 -0.02
CA GLN B 61 -20.39 -18.32 -0.06
C GLN B 61 -19.17 -17.64 -0.67
N ILE B 62 -18.02 -17.80 -0.02
CA ILE B 62 -16.76 -17.38 -0.63
C ILE B 62 -16.25 -18.41 -1.62
N SER B 63 -16.72 -19.65 -1.54
CA SER B 63 -16.25 -20.72 -2.39
C SER B 63 -17.29 -21.84 -2.39
N ALA B 64 -17.05 -22.86 -3.21
CA ALA B 64 -17.94 -24.02 -3.22
C ALA B 64 -17.85 -24.80 -1.92
N GLN B 65 -16.64 -24.87 -1.34
CA GLN B 65 -16.47 -25.57 -0.07
C GLN B 65 -17.21 -24.88 1.07
N ALA B 66 -17.42 -23.56 0.96
CA ALA B 66 -18.09 -22.81 2.01
C ALA B 66 -19.59 -23.08 2.09
N LYS B 67 -20.15 -23.80 1.13
CA LYS B 67 -21.59 -24.00 1.08
C LYS B 67 -22.05 -24.87 2.25
N GLY B 68 -23.08 -24.38 2.96
CA GLY B 68 -23.64 -25.14 4.06
C GLY B 68 -25.16 -25.14 4.04
N TYR B 69 -25.75 -24.25 3.25
CA TYR B 69 -27.19 -24.13 3.11
C TYR B 69 -27.56 -24.23 1.64
N ALA B 70 -28.52 -25.10 1.34
CA ALA B 70 -29.05 -25.16 -0.02
C ALA B 70 -29.91 -23.93 -0.30
N GLY B 71 -29.63 -23.26 -1.40
CA GLY B 71 -30.32 -22.03 -1.74
C GLY B 71 -29.61 -20.76 -1.33
N ALA B 72 -28.50 -20.87 -0.60
CA ALA B 72 -27.73 -19.68 -0.26
C ALA B 72 -26.80 -19.31 -1.40
N PRO B 73 -26.68 -18.04 -1.73
CA PRO B 73 -25.89 -17.64 -2.91
C PRO B 73 -24.38 -17.68 -2.64
N GLY B 74 -23.62 -17.59 -3.73
CA GLY B 74 -22.19 -17.46 -3.67
C GLY B 74 -21.74 -16.21 -4.40
N ILE B 75 -20.43 -15.95 -4.32
CA ILE B 75 -19.84 -14.81 -5.01
C ILE B 75 -18.44 -15.18 -5.46
N HIS B 76 -18.28 -16.42 -5.93
CA HIS B 76 -17.00 -16.91 -6.40
C HIS B 76 -16.96 -17.24 -7.89
N SER B 77 -18.10 -17.41 -8.54
CA SER B 77 -18.17 -17.74 -9.95
C SER B 77 -18.50 -16.51 -10.77
N PRO B 78 -18.17 -16.50 -12.07
CA PRO B 78 -18.49 -15.33 -12.89
C PRO B 78 -19.98 -15.04 -12.98
N GLU B 79 -20.82 -16.08 -13.09
CA GLU B 79 -22.26 -15.84 -13.20
C GLU B 79 -22.85 -15.34 -11.89
N GLN B 80 -22.26 -15.71 -10.76
CA GLN B 80 -22.69 -15.14 -9.48
C GLN B 80 -22.29 -13.67 -9.39
N ILE B 81 -21.08 -13.34 -9.83
CA ILE B 81 -20.61 -11.96 -9.78
C ILE B 81 -21.46 -11.07 -10.67
N ALA B 82 -21.82 -11.58 -11.86
CA ALA B 82 -22.66 -10.82 -12.77
C ALA B 82 -24.05 -10.61 -12.18
N ALA B 83 -24.58 -11.61 -11.48
CA ALA B 83 -25.92 -11.48 -10.89
C ALA B 83 -25.92 -10.50 -9.73
N TRP B 84 -24.91 -10.57 -8.86
CA TRP B 84 -24.80 -9.59 -7.77
C TRP B 84 -24.65 -8.18 -8.32
N LYS B 85 -23.98 -8.03 -9.46
CA LYS B 85 -23.75 -6.71 -10.03
C LYS B 85 -25.05 -6.01 -10.39
N LYS B 86 -26.06 -6.78 -10.83
CA LYS B 86 -27.36 -6.17 -11.10
C LYS B 86 -28.09 -5.83 -9.81
N ILE B 87 -27.86 -6.62 -8.75
CA ILE B 87 -28.53 -6.36 -7.48
C ILE B 87 -28.00 -5.09 -6.83
N THR B 88 -26.68 -4.91 -6.83
CA THR B 88 -26.11 -3.72 -6.20
C THR B 88 -26.43 -2.46 -6.99
N ALA B 89 -26.44 -2.57 -8.32
CA ALA B 89 -26.73 -1.40 -9.16
C ALA B 89 -28.14 -0.88 -8.91
N GLY B 90 -29.10 -1.79 -8.73
CA GLY B 90 -30.46 -1.35 -8.46
C GLY B 90 -30.59 -0.66 -7.11
N VAL B 91 -29.86 -1.15 -6.10
CA VAL B 91 -29.88 -0.51 -4.79
C VAL B 91 -29.27 0.88 -4.86
N HIS B 92 -28.13 1.01 -5.54
CA HIS B 92 -27.45 2.29 -5.63
C HIS B 92 -28.25 3.30 -6.43
N ALA B 93 -29.03 2.86 -7.41
CA ALA B 93 -29.83 3.77 -8.21
C ALA B 93 -30.91 4.46 -7.38
N GLU B 94 -31.30 3.88 -6.25
CA GLU B 94 -32.27 4.49 -5.35
C GLU B 94 -31.62 4.98 -4.06
N ASN B 95 -30.35 5.40 -4.15
CA ASN B 95 -29.64 6.06 -3.05
C ASN B 95 -29.40 5.11 -1.87
N GLY B 96 -29.39 3.81 -2.13
CA GLY B 96 -29.07 2.83 -1.11
C GLY B 96 -27.59 2.50 -1.06
N HIS B 97 -27.21 1.79 0.00
CA HIS B 97 -25.85 1.29 0.16
C HIS B 97 -25.91 -0.16 0.62
N MET B 98 -25.00 -0.98 0.12
CA MET B 98 -25.09 -2.41 0.33
C MET B 98 -23.72 -3.01 0.60
N ALA B 99 -23.65 -3.83 1.64
CA ALA B 99 -22.51 -4.69 1.92
C ALA B 99 -22.90 -6.13 1.68
N VAL B 100 -21.92 -6.97 1.37
CA VAL B 100 -22.11 -8.41 1.22
C VAL B 100 -21.48 -9.11 2.41
N GLN B 101 -22.23 -10.03 3.01
CA GLN B 101 -21.71 -10.85 4.10
C GLN B 101 -21.07 -12.10 3.52
N LEU B 102 -19.77 -12.25 3.75
CA LEU B 102 -19.02 -13.40 3.26
C LEU B 102 -18.84 -14.39 4.40
N TRP B 103 -19.28 -15.63 4.20
CA TRP B 103 -19.13 -16.64 5.22
C TRP B 103 -18.51 -17.91 4.64
N HIS B 104 -17.98 -18.72 5.54
CA HIS B 104 -17.69 -20.12 5.31
C HIS B 104 -18.43 -20.88 6.40
N THR B 105 -19.34 -21.77 6.01
CA THR B 105 -20.20 -22.42 6.99
C THR B 105 -19.44 -23.40 7.88
N GLY B 106 -18.32 -23.93 7.41
CA GLY B 106 -17.57 -24.88 8.22
C GLY B 106 -18.39 -26.12 8.52
N ARG B 107 -18.42 -26.50 9.80
CA ARG B 107 -19.11 -27.72 10.22
C ARG B 107 -20.62 -27.59 10.20
N ILE B 108 -21.18 -26.40 10.03
CA ILE B 108 -22.63 -26.23 9.88
C ILE B 108 -22.92 -26.41 8.39
N SER B 109 -22.88 -27.65 7.95
CA SER B 109 -23.04 -27.98 6.54
C SER B 109 -23.44 -29.43 6.42
N HIS B 110 -23.73 -29.84 5.19
CA HIS B 110 -24.06 -31.22 4.87
C HIS B 110 -23.18 -31.69 3.73
N ALA B 111 -22.81 -32.98 3.77
CA ALA B 111 -21.93 -33.52 2.74
C ALA B 111 -22.55 -33.44 1.36
N SER B 112 -23.88 -33.52 1.26
CA SER B 112 -24.53 -33.47 -0.04
C SER B 112 -24.36 -32.12 -0.73
N LEU B 113 -24.04 -31.08 0.03
CA LEU B 113 -23.77 -29.76 -0.54
C LEU B 113 -22.29 -29.52 -0.83
N GLN B 114 -21.42 -30.39 -0.34
CA GLN B 114 -19.99 -30.19 -0.51
C GLN B 114 -19.51 -30.69 -1.87
N PRO B 115 -18.41 -30.15 -2.38
CA PRO B 115 -17.83 -30.67 -3.62
C PRO B 115 -17.47 -32.15 -3.47
N GLY B 116 -17.89 -32.94 -4.46
CA GLY B 116 -17.66 -34.37 -4.40
C GLY B 116 -18.42 -35.11 -3.34
N GLY B 117 -19.38 -34.46 -2.68
CA GLY B 117 -20.12 -35.10 -1.61
C GLY B 117 -19.30 -35.42 -0.38
N GLN B 118 -18.18 -34.75 -0.18
CA GLN B 118 -17.28 -35.07 0.91
C GLN B 118 -17.71 -34.38 2.20
N ALA B 119 -17.02 -34.71 3.29
CA ALA B 119 -17.34 -34.13 4.57
C ALA B 119 -16.94 -32.66 4.60
N PRO B 120 -17.71 -31.81 5.28
CA PRO B 120 -17.31 -30.40 5.41
C PRO B 120 -16.07 -30.27 6.28
N VAL B 121 -15.50 -29.07 6.26
CA VAL B 121 -14.26 -28.80 6.96
C VAL B 121 -14.53 -27.95 8.20
N ALA B 122 -13.60 -28.00 9.14
CA ALA B 122 -13.72 -27.30 10.41
C ALA B 122 -12.36 -27.30 11.07
N PRO B 123 -12.17 -26.47 12.11
CA PRO B 123 -10.89 -26.53 12.84
C PRO B 123 -10.64 -27.87 13.50
N SER B 124 -11.70 -28.52 14.01
CA SER B 124 -11.57 -29.81 14.65
C SER B 124 -12.71 -30.71 14.20
N ALA B 125 -12.45 -32.02 14.21
CA ALA B 125 -13.46 -33.01 13.82
C ALA B 125 -14.43 -33.19 14.99
N LEU B 126 -15.33 -32.23 15.12
CA LEU B 126 -16.35 -32.23 16.17
C LEU B 126 -17.69 -31.86 15.55
N SER B 127 -18.70 -32.69 15.78
CA SER B 127 -20.02 -32.45 15.21
C SER B 127 -20.58 -31.13 15.71
N ALA B 128 -21.27 -30.41 14.81
CA ALA B 128 -21.84 -29.12 15.18
C ALA B 128 -23.00 -29.27 16.16
N GLY B 129 -23.63 -30.43 16.22
CA GLY B 129 -24.74 -30.63 17.13
C GLY B 129 -25.97 -29.82 16.80
N THR B 130 -26.21 -29.53 15.53
CA THR B 130 -27.36 -28.77 15.10
C THR B 130 -27.74 -29.21 13.69
N ARG B 131 -28.58 -28.42 13.03
CA ARG B 131 -29.10 -28.78 11.71
C ARG B 131 -28.84 -27.64 10.73
N THR B 132 -28.81 -28.01 9.45
CA THR B 132 -28.73 -27.05 8.36
C THR B 132 -29.95 -27.23 7.46
N SER B 133 -30.06 -26.39 6.43
CA SER B 133 -31.20 -26.39 5.53
C SER B 133 -30.78 -26.96 4.18
N LEU B 134 -31.49 -28.00 3.73
CA LEU B 134 -31.35 -28.56 2.41
C LEU B 134 -32.59 -28.20 1.59
N ARG B 135 -32.75 -28.88 0.45
CA ARG B 135 -33.95 -28.75 -0.37
C ARG B 135 -34.46 -30.15 -0.68
N ASP B 136 -35.77 -30.37 -0.49
CA ASP B 136 -36.37 -31.66 -0.72
C ASP B 136 -36.64 -31.84 -2.22
N GLU B 137 -37.31 -32.93 -2.58
CA GLU B 137 -37.61 -33.19 -3.99
C GLU B 137 -38.59 -32.17 -4.57
N ASN B 138 -39.31 -31.45 -3.73
CA ASN B 138 -40.19 -30.38 -4.17
C ASN B 138 -39.51 -29.02 -4.23
N GLY B 139 -38.21 -28.96 -3.93
CA GLY B 139 -37.49 -27.71 -3.93
C GLY B 139 -37.69 -26.85 -2.70
N GLN B 140 -38.38 -27.35 -1.68
CA GLN B 140 -38.64 -26.58 -0.48
C GLN B 140 -37.57 -26.82 0.57
N ALA B 141 -37.39 -25.83 1.43
CA ALA B 141 -36.37 -25.91 2.47
C ALA B 141 -36.77 -26.95 3.53
N ILE B 142 -35.79 -27.75 3.94
CA ILE B 142 -35.98 -28.75 4.99
C ILE B 142 -34.76 -28.74 5.89
N ARG B 143 -34.98 -29.10 7.16
CA ARG B 143 -33.91 -29.13 8.14
C ARG B 143 -33.35 -30.54 8.26
N VAL B 144 -32.02 -30.65 8.17
CA VAL B 144 -31.31 -31.93 8.27
C VAL B 144 -30.12 -31.74 9.18
N GLU B 145 -29.80 -32.79 9.96
CA GLU B 145 -28.63 -32.76 10.82
C GLU B 145 -27.36 -32.56 10.00
N THR B 146 -26.41 -31.83 10.58
CA THR B 146 -25.15 -31.54 9.91
C THR B 146 -24.24 -32.76 9.94
N SER B 147 -23.43 -32.90 8.90
CA SER B 147 -22.51 -34.02 8.80
C SER B 147 -21.33 -33.84 9.75
N MET B 148 -20.63 -34.94 10.00
CA MET B 148 -19.38 -34.87 10.74
C MET B 148 -18.34 -34.11 9.93
N PRO B 149 -17.68 -33.10 10.51
CA PRO B 149 -16.70 -32.34 9.74
C PRO B 149 -15.33 -33.00 9.74
N ARG B 150 -14.52 -32.58 8.78
CA ARG B 150 -13.12 -32.94 8.71
C ARG B 150 -12.28 -31.79 9.27
N ALA B 151 -11.25 -32.13 10.03
CA ALA B 151 -10.36 -31.11 10.56
C ALA B 151 -9.49 -30.55 9.44
N LEU B 152 -9.43 -29.23 9.35
CA LEU B 152 -8.58 -28.60 8.35
C LEU B 152 -7.12 -28.90 8.64
N GLU B 153 -6.40 -29.39 7.63
CA GLU B 153 -4.96 -29.50 7.73
C GLU B 153 -4.34 -28.11 7.75
N LEU B 154 -3.21 -27.99 8.45
CA LEU B 154 -2.50 -26.72 8.50
C LEU B 154 -2.16 -26.22 7.10
N GLU B 155 -1.96 -27.14 6.16
CA GLU B 155 -1.65 -26.77 4.78
C GLU B 155 -2.83 -26.12 4.05
N GLU B 156 -4.05 -26.31 4.55
CA GLU B 156 -5.24 -25.81 3.86
C GLU B 156 -5.65 -24.40 4.30
N ILE B 157 -5.09 -23.89 5.40
CA ILE B 157 -5.53 -22.63 5.98
C ILE B 157 -5.20 -21.45 5.08
N PRO B 158 -4.01 -21.36 4.47
CA PRO B 158 -3.80 -20.27 3.49
C PRO B 158 -4.81 -20.27 2.36
N GLY B 159 -5.30 -21.45 1.95
CA GLY B 159 -6.34 -21.49 0.94
C GLY B 159 -7.66 -20.91 1.41
N ILE B 160 -7.97 -21.06 2.70
CA ILE B 160 -9.16 -20.43 3.26
C ILE B 160 -9.00 -18.92 3.25
N VAL B 161 -7.83 -18.42 3.66
CA VAL B 161 -7.58 -16.99 3.65
C VAL B 161 -7.67 -16.45 2.22
N ASN B 162 -7.13 -17.20 1.25
CA ASN B 162 -7.17 -16.73 -0.13
C ASN B 162 -8.59 -16.73 -0.69
N ASP B 163 -9.41 -17.72 -0.29
CA ASP B 163 -10.80 -17.73 -0.72
C ASP B 163 -11.55 -16.51 -0.19
N PHE B 164 -11.29 -16.13 1.06
CA PHE B 164 -11.88 -14.91 1.59
C PHE B 164 -11.38 -13.68 0.85
N ARG B 165 -10.08 -13.65 0.54
CA ARG B 165 -9.50 -12.51 -0.16
C ARG B 165 -10.09 -12.36 -1.56
N GLN B 166 -10.19 -13.47 -2.29
CA GLN B 166 -10.75 -13.43 -3.63
C GLN B 166 -12.21 -13.00 -3.61
N ALA B 167 -12.99 -13.52 -2.65
CA ALA B 167 -14.37 -13.10 -2.51
C ALA B 167 -14.48 -11.62 -2.17
N ILE B 168 -13.51 -11.08 -1.43
CA ILE B 168 -13.46 -9.65 -1.19
C ILE B 168 -13.18 -8.90 -2.48
N ALA B 169 -12.25 -9.41 -3.29
CA ALA B 169 -12.02 -8.81 -4.60
C ALA B 169 -13.24 -8.95 -5.49
N ASN B 170 -13.95 -10.08 -5.39
CA ASN B 170 -15.17 -10.26 -6.18
C ASN B 170 -16.28 -9.34 -5.73
N ALA B 171 -16.35 -9.04 -4.43
CA ALA B 171 -17.36 -8.10 -3.93
C ALA B 171 -17.15 -6.72 -4.50
N ARG B 172 -15.89 -6.29 -4.62
CA ARG B 172 -15.59 -5.00 -5.24
C ARG B 172 -16.02 -4.98 -6.70
N GLU B 173 -15.73 -6.07 -7.43
CA GLU B 173 -16.14 -6.14 -8.83
C GLU B 173 -17.66 -6.10 -8.96
N ALA B 174 -18.37 -6.77 -8.03
CA ALA B 174 -19.82 -6.83 -8.08
C ALA B 174 -20.50 -5.54 -7.66
N GLY B 175 -19.72 -4.52 -7.27
CA GLY B 175 -20.29 -3.22 -6.97
C GLY B 175 -20.73 -3.00 -5.53
N PHE B 176 -20.34 -3.87 -4.61
CA PHE B 176 -20.68 -3.67 -3.20
C PHE B 176 -19.89 -2.50 -2.61
N ASP B 177 -20.50 -1.82 -1.65
CA ASP B 177 -19.82 -0.74 -0.95
C ASP B 177 -18.87 -1.27 0.11
N LEU B 178 -19.23 -2.36 0.77
CA LEU B 178 -18.45 -2.92 1.86
C LEU B 178 -18.61 -4.43 1.85
N VAL B 179 -17.77 -5.11 2.63
CA VAL B 179 -17.95 -6.52 2.91
C VAL B 179 -18.16 -6.68 4.41
N GLU B 180 -18.83 -7.76 4.80
CA GLU B 180 -18.95 -8.13 6.20
C GLU B 180 -18.43 -9.54 6.36
N LEU B 181 -17.30 -9.68 7.05
CA LEU B 181 -16.78 -10.99 7.37
C LEU B 181 -17.68 -11.64 8.42
N HIS B 182 -18.19 -12.83 8.11
CA HIS B 182 -19.10 -13.53 9.01
C HIS B 182 -18.27 -14.35 9.99
N SER B 183 -17.95 -13.74 11.13
CA SER B 183 -17.21 -14.37 12.21
C SER B 183 -18.11 -14.66 13.40
N ALA B 184 -19.36 -15.03 13.14
CA ALA B 184 -20.35 -15.18 14.20
C ALA B 184 -21.20 -16.43 13.95
N HIS B 185 -22.06 -16.73 14.92
CA HIS B 185 -23.14 -17.71 14.79
C HIS B 185 -22.63 -19.11 14.47
N GLY B 186 -21.46 -19.46 15.00
CA GLY B 186 -20.98 -20.82 14.92
C GLY B 186 -20.50 -21.27 13.56
N PHE B 187 -20.23 -20.34 12.64
CA PHE B 187 -19.66 -20.70 11.37
C PHE B 187 -18.14 -20.70 11.47
N LEU B 188 -17.46 -20.93 10.33
CA LEU B 188 -16.06 -21.36 10.35
C LEU B 188 -15.18 -20.42 11.18
N LEU B 189 -15.25 -19.12 10.92
CA LEU B 189 -14.40 -18.19 11.65
C LEU B 189 -14.74 -18.19 13.14
N HIS B 190 -16.02 -18.31 13.48
CA HIS B 190 -16.39 -18.44 14.89
C HIS B 190 -15.98 -19.79 15.44
N GLN B 191 -15.94 -20.82 14.60
CA GLN B 191 -15.48 -22.13 15.07
C GLN B 191 -14.02 -22.09 15.47
N PHE B 192 -13.20 -21.32 14.76
CA PHE B 192 -11.80 -21.14 15.15
C PHE B 192 -11.70 -20.31 16.43
N LEU B 193 -12.58 -19.31 16.58
CA LEU B 193 -12.51 -18.44 17.75
C LEU B 193 -12.88 -19.17 19.03
N SER B 194 -13.87 -20.05 18.97
CA SER B 194 -14.43 -20.62 20.19
C SER B 194 -13.56 -21.76 20.71
N PRO B 195 -13.25 -21.80 22.00
CA PRO B 195 -12.52 -22.94 22.55
C PRO B 195 -13.32 -24.23 22.55
N SER B 196 -14.65 -24.15 22.53
CA SER B 196 -15.46 -25.37 22.55
C SER B 196 -15.43 -26.09 21.20
N SER B 197 -15.22 -25.35 20.11
CA SER B 197 -15.18 -25.92 18.78
C SER B 197 -13.76 -26.04 18.22
N ASN B 198 -12.79 -25.38 18.83
CA ASN B 198 -11.41 -25.40 18.37
C ASN B 198 -10.55 -26.15 19.39
N HIS B 199 -10.17 -27.38 19.04
CA HIS B 199 -9.26 -28.17 19.85
C HIS B 199 -7.91 -28.37 19.17
N ARG B 200 -7.54 -27.49 18.25
CA ARG B 200 -6.28 -27.61 17.54
C ARG B 200 -5.10 -27.35 18.49
N THR B 201 -4.00 -28.05 18.23
CA THR B 201 -2.78 -27.89 19.02
C THR B 201 -1.68 -27.17 18.24
N ASP B 202 -1.98 -26.62 17.07
CA ASP B 202 -1.03 -25.84 16.30
C ASP B 202 -1.22 -24.36 16.60
N GLN B 203 -0.61 -23.50 15.78
CA GLN B 203 -0.71 -22.06 16.04
C GLN B 203 -2.10 -21.49 15.74
N TYR B 204 -3.09 -22.32 15.40
CA TYR B 204 -4.46 -21.86 15.22
C TYR B 204 -5.39 -22.40 16.29
N GLY B 205 -4.85 -22.81 17.43
CA GLY B 205 -5.65 -23.30 18.53
C GLY B 205 -4.92 -23.12 19.84
N GLY B 206 -5.69 -23.12 20.93
CA GLY B 206 -5.13 -22.98 22.26
C GLY B 206 -5.36 -21.61 22.87
N SER B 207 -4.33 -20.76 22.81
CA SER B 207 -4.45 -19.41 23.33
C SER B 207 -5.43 -18.60 22.50
N VAL B 208 -5.88 -17.47 23.06
CA VAL B 208 -6.83 -16.63 22.35
C VAL B 208 -6.20 -16.03 21.09
N GLU B 209 -4.90 -15.73 21.13
CA GLU B 209 -4.25 -15.19 19.93
C GLU B 209 -4.15 -16.24 18.84
N ASN B 210 -4.07 -17.52 19.22
CA ASN B 210 -4.07 -18.58 18.22
C ASN B 210 -5.47 -18.83 17.66
N ARG B 211 -6.50 -18.74 18.52
CA ARG B 211 -7.87 -18.97 18.06
C ARG B 211 -8.35 -17.82 17.19
N ALA B 212 -7.86 -16.60 17.44
CA ALA B 212 -8.20 -15.44 16.62
C ALA B 212 -7.23 -15.24 15.46
N ARG B 213 -6.26 -16.14 15.28
CA ARG B 213 -5.26 -15.95 14.23
C ARG B 213 -5.89 -15.98 12.84
N LEU B 214 -6.83 -16.89 12.60
CA LEU B 214 -7.41 -17.02 11.28
C LEU B 214 -8.22 -15.78 10.91
N VAL B 215 -9.10 -15.33 11.80
CA VAL B 215 -9.97 -14.20 11.47
C VAL B 215 -9.13 -12.94 11.24
N LEU B 216 -8.07 -12.76 12.02
CA LEU B 216 -7.23 -11.58 11.84
C LEU B 216 -6.39 -11.70 10.57
N GLU B 217 -6.09 -12.92 10.13
CA GLU B 217 -5.45 -13.09 8.83
C GLU B 217 -6.41 -12.75 7.70
N VAL B 218 -7.68 -13.09 7.87
CA VAL B 218 -8.69 -12.74 6.87
C VAL B 218 -8.89 -11.23 6.82
N VAL B 219 -8.96 -10.59 7.98
CA VAL B 219 -9.09 -9.13 8.03
C VAL B 219 -7.90 -8.46 7.35
N ASP B 220 -6.69 -8.90 7.71
CA ASP B 220 -5.48 -8.32 7.12
C ASP B 220 -5.41 -8.57 5.62
N ALA B 221 -5.90 -9.72 5.16
CA ALA B 221 -5.93 -9.97 3.72
C ALA B 221 -6.93 -9.05 3.03
N GLY B 222 -8.06 -8.76 3.69
CA GLY B 222 -9.02 -7.84 3.11
C GLY B 222 -8.54 -6.40 3.11
N ILE B 223 -7.78 -6.01 4.14
CA ILE B 223 -7.19 -4.68 4.18
C ILE B 223 -6.21 -4.50 3.02
N GLU B 224 -5.42 -5.53 2.74
CA GLU B 224 -4.47 -5.45 1.64
C GLU B 224 -5.16 -5.53 0.29
N GLU B 225 -6.23 -6.34 0.20
CA GLU B 225 -6.92 -6.51 -1.07
C GLU B 225 -7.68 -5.24 -1.47
N TRP B 226 -8.38 -4.62 -0.52
CA TRP B 226 -9.24 -3.50 -0.84
C TRP B 226 -8.92 -2.29 0.03
N GLY B 227 -8.98 -2.46 1.34
CA GLY B 227 -8.71 -1.38 2.28
C GLY B 227 -9.48 -1.60 3.56
N ALA B 228 -8.97 -1.00 4.64
CA ALA B 228 -9.59 -1.15 5.95
C ALA B 228 -10.98 -0.52 5.98
N ASP B 229 -11.18 0.58 5.27
CA ASP B 229 -12.48 1.26 5.24
C ASP B 229 -13.52 0.52 4.40
N ARG B 230 -13.20 -0.69 3.92
CA ARG B 230 -14.16 -1.52 3.19
C ARG B 230 -14.50 -2.80 3.92
N ILE B 231 -13.83 -3.11 5.04
CA ILE B 231 -13.94 -4.39 5.70
C ILE B 231 -14.78 -4.22 6.96
N GLY B 232 -15.96 -4.84 6.97
CA GLY B 232 -16.73 -4.98 8.18
C GLY B 232 -16.67 -6.40 8.67
N ILE B 233 -17.05 -6.63 9.93
CA ILE B 233 -17.07 -7.98 10.50
C ILE B 233 -18.24 -8.09 11.45
N ARG B 234 -18.88 -9.25 11.46
CA ARG B 234 -19.94 -9.56 12.42
C ARG B 234 -19.41 -10.57 13.42
N VAL B 235 -19.61 -10.29 14.71
CA VAL B 235 -19.21 -11.18 15.78
C VAL B 235 -20.39 -11.41 16.71
N SER B 236 -20.44 -12.60 17.30
CA SER B 236 -21.39 -12.94 18.35
C SER B 236 -20.59 -13.53 19.51
N PRO B 237 -19.78 -12.72 20.17
CA PRO B 237 -18.76 -13.24 21.09
C PRO B 237 -19.25 -13.51 22.50
N ILE B 238 -20.51 -13.23 22.81
CA ILE B 238 -21.08 -13.50 24.13
C ILE B 238 -22.31 -14.38 23.93
N GLY B 239 -22.32 -15.54 24.57
CA GLY B 239 -23.46 -16.42 24.56
C GLY B 239 -23.27 -17.64 23.69
N THR B 240 -24.39 -18.29 23.39
CA THR B 240 -24.41 -19.51 22.58
C THR B 240 -25.28 -19.27 21.35
N PHE B 241 -24.77 -19.71 20.19
CA PHE B 241 -25.48 -19.56 18.93
C PHE B 241 -25.31 -20.84 18.13
N GLN B 242 -26.43 -21.47 17.78
CA GLN B 242 -26.43 -22.72 16.99
C GLN B 242 -25.60 -23.79 17.68
N ASN B 243 -25.82 -23.95 18.98
CA ASN B 243 -25.17 -24.96 19.82
C ASN B 243 -23.65 -24.75 19.92
N THR B 244 -23.17 -23.54 19.62
CA THR B 244 -21.76 -23.20 19.76
C THR B 244 -21.64 -22.01 20.70
N ASP B 245 -21.00 -22.22 21.84
CA ASP B 245 -20.77 -21.16 22.80
C ASP B 245 -19.41 -20.51 22.53
N ASN B 246 -19.06 -19.53 23.37
CA ASN B 246 -17.80 -18.80 23.23
C ASN B 246 -16.80 -19.16 24.32
N GLY B 247 -16.93 -20.34 24.90
CA GLY B 247 -16.00 -20.79 25.92
C GLY B 247 -16.25 -20.15 27.26
N PRO B 248 -15.46 -20.54 28.27
CA PRO B 248 -15.67 -20.04 29.63
C PRO B 248 -15.05 -18.69 29.92
N ASN B 249 -14.24 -18.14 29.00
CA ASN B 249 -13.61 -16.85 29.22
C ASN B 249 -14.07 -15.87 28.14
N GLU B 250 -15.38 -15.84 27.88
CA GLU B 250 -15.89 -15.20 26.67
C GLU B 250 -15.70 -13.69 26.69
N GLU B 251 -15.87 -13.06 27.86
CA GLU B 251 -15.79 -11.60 27.90
C GLU B 251 -14.37 -11.12 27.63
N ALA B 252 -13.38 -11.74 28.28
CA ALA B 252 -11.99 -11.34 28.06
C ALA B 252 -11.52 -11.72 26.66
N ASP B 253 -11.99 -12.85 26.14
CA ASP B 253 -11.61 -13.26 24.79
C ASP B 253 -12.24 -12.33 23.75
N ALA B 254 -13.48 -11.89 23.98
CA ALA B 254 -14.11 -10.94 23.08
C ALA B 254 -13.36 -9.61 23.07
N LEU B 255 -12.94 -9.15 24.26
CA LEU B 255 -12.23 -7.87 24.33
C LEU B 255 -10.88 -7.95 23.64
N TYR B 256 -10.23 -9.11 23.65
CA TYR B 256 -8.98 -9.27 22.91
C TYR B 256 -9.23 -9.13 21.41
N LEU B 257 -10.24 -9.82 20.90
CA LEU B 257 -10.53 -9.76 19.47
C LEU B 257 -10.92 -8.36 19.05
N ILE B 258 -11.79 -7.71 19.82
CA ILE B 258 -12.27 -6.37 19.44
C ILE B 258 -11.13 -5.36 19.47
N GLU B 259 -10.22 -5.49 20.45
CA GLU B 259 -9.09 -4.57 20.52
C GLU B 259 -8.19 -4.71 19.29
N GLN B 260 -7.98 -5.95 18.84
CA GLN B 260 -7.17 -6.16 17.64
C GLN B 260 -7.87 -5.62 16.40
N LEU B 261 -9.19 -5.77 16.33
CA LEU B 261 -9.93 -5.21 15.20
C LEU B 261 -9.89 -3.69 15.21
N GLY B 262 -9.98 -3.09 16.40
CA GLY B 262 -9.93 -1.64 16.50
C GLY B 262 -8.58 -1.06 16.13
N LYS B 263 -7.50 -1.81 16.38
CA LYS B 263 -6.17 -1.33 15.99
C LYS B 263 -6.04 -1.21 14.48
N ARG B 264 -6.72 -2.07 13.73
CA ARG B 264 -6.66 -2.03 12.28
C ARG B 264 -7.56 -0.95 11.68
N GLY B 265 -8.47 -0.38 12.45
CA GLY B 265 -9.32 0.69 11.98
C GLY B 265 -10.22 0.29 10.83
N ILE B 266 -10.90 -0.86 10.96
CA ILE B 266 -11.74 -1.38 9.89
C ILE B 266 -13.03 -0.59 9.82
N ALA B 267 -13.89 -0.94 8.87
CA ALA B 267 -15.09 -0.16 8.59
C ALA B 267 -16.00 -0.08 9.80
N TYR B 268 -16.43 -1.24 10.32
CA TYR B 268 -17.35 -1.25 11.44
C TYR B 268 -17.24 -2.57 12.19
N LEU B 269 -17.80 -2.57 13.41
CA LEU B 269 -17.95 -3.77 14.22
C LEU B 269 -19.43 -4.05 14.38
N HIS B 270 -19.89 -5.18 13.85
CA HIS B 270 -21.28 -5.57 13.92
C HIS B 270 -21.42 -6.68 14.96
N MET B 271 -22.14 -6.40 16.04
CA MET B 271 -22.25 -7.31 17.17
C MET B 271 -23.64 -7.93 17.20
N SER B 272 -23.70 -9.24 17.09
CA SER B 272 -24.95 -9.98 17.25
C SER B 272 -25.09 -10.35 18.73
N GLU B 273 -26.04 -9.73 19.42
CA GLU B 273 -26.15 -9.81 20.86
C GLU B 273 -26.96 -11.04 21.28
N PRO B 274 -26.80 -11.51 22.51
CA PRO B 274 -27.43 -12.77 22.92
C PRO B 274 -28.92 -12.66 23.20
N ASP B 275 -29.51 -11.46 23.12
CA ASP B 275 -30.91 -11.29 23.49
C ASP B 275 -31.83 -12.11 22.61
N TRP B 276 -31.65 -12.01 21.28
CA TRP B 276 -32.53 -12.72 20.37
C TRP B 276 -32.29 -14.23 20.41
N ALA B 277 -31.07 -14.65 20.76
CA ALA B 277 -30.76 -16.06 20.86
C ALA B 277 -31.19 -16.67 22.19
N GLY B 278 -31.59 -15.85 23.16
CA GLY B 278 -32.04 -16.36 24.44
C GLY B 278 -30.97 -16.32 25.51
N GLY B 279 -30.44 -15.12 25.79
CA GLY B 279 -29.42 -14.95 26.80
C GLY B 279 -29.53 -13.61 27.46
N GLU B 280 -28.73 -13.44 28.51
CA GLU B 280 -28.70 -12.16 29.23
C GLU B 280 -28.12 -11.08 28.33
N PRO B 281 -28.75 -9.91 28.26
CA PRO B 281 -28.22 -8.83 27.40
C PRO B 281 -26.89 -8.32 27.92
N TYR B 282 -26.24 -7.52 27.06
CA TYR B 282 -25.00 -6.87 27.45
C TYR B 282 -25.24 -5.91 28.62
N THR B 283 -24.24 -5.79 29.47
CA THR B 283 -24.23 -4.72 30.47
C THR B 283 -23.63 -3.47 29.85
N ASP B 284 -23.97 -2.32 30.45
CA ASP B 284 -23.36 -1.07 29.99
C ASP B 284 -21.86 -1.05 30.26
N ALA B 285 -21.42 -1.71 31.33
CA ALA B 285 -19.99 -1.76 31.62
C ALA B 285 -19.24 -2.53 30.53
N PHE B 286 -19.85 -3.58 29.99
CA PHE B 286 -19.22 -4.33 28.92
C PHE B 286 -19.19 -3.52 27.63
N ARG B 287 -20.29 -2.82 27.32
CA ARG B 287 -20.31 -1.98 26.12
C ARG B 287 -19.25 -0.89 26.20
N GLU B 288 -19.03 -0.34 27.39
CA GLU B 288 -17.99 0.68 27.55
C GLU B 288 -16.59 0.08 27.37
N LYS B 289 -16.40 -1.18 27.75
CA LYS B 289 -15.15 -1.85 27.45
C LYS B 289 -14.98 -2.08 25.96
N VAL B 290 -16.08 -2.35 25.25
CA VAL B 290 -16.02 -2.51 23.81
C VAL B 290 -15.71 -1.17 23.15
N ARG B 291 -16.41 -0.11 23.58
CA ARG B 291 -16.21 1.21 22.99
C ARG B 291 -14.79 1.73 23.23
N ALA B 292 -14.20 1.39 24.39
CA ALA B 292 -12.84 1.82 24.66
C ALA B 292 -11.81 1.16 23.76
N ARG B 293 -12.14 0.02 23.17
CA ARG B 293 -11.20 -0.73 22.34
C ARG B 293 -11.48 -0.60 20.85
N PHE B 294 -12.72 -0.30 20.46
CA PHE B 294 -13.08 -0.11 19.06
C PHE B 294 -13.68 1.29 18.91
N HIS B 295 -13.05 2.11 18.08
CA HIS B 295 -13.46 3.51 17.93
C HIS B 295 -14.29 3.75 16.68
N GLY B 296 -14.32 2.82 15.73
CA GLY B 296 -15.14 2.95 14.57
C GLY B 296 -16.61 2.71 14.89
N PRO B 297 -17.44 2.75 13.84
CA PRO B 297 -18.88 2.53 14.04
C PRO B 297 -19.16 1.14 14.61
N ILE B 298 -20.03 1.10 15.62
CA ILE B 298 -20.49 -0.13 16.24
C ILE B 298 -21.96 -0.33 15.91
N ILE B 299 -22.29 -1.51 15.38
CA ILE B 299 -23.65 -1.86 14.99
C ILE B 299 -24.17 -2.90 15.96
N GLY B 300 -25.28 -2.59 16.62
CA GLY B 300 -25.95 -3.54 17.50
C GLY B 300 -27.11 -4.21 16.79
N ALA B 301 -27.32 -5.48 17.10
CA ALA B 301 -28.39 -6.24 16.49
C ALA B 301 -28.83 -7.34 17.43
N GLY B 302 -30.08 -7.77 17.28
CA GLY B 302 -30.62 -8.83 18.12
C GLY B 302 -31.70 -8.35 19.06
N ALA B 303 -32.96 -8.55 18.67
CA ALA B 303 -34.13 -8.20 19.50
C ALA B 303 -34.07 -6.74 19.94
N TYR B 304 -33.86 -5.85 18.98
CA TYR B 304 -33.76 -4.43 19.25
C TYR B 304 -35.12 -3.75 19.10
N THR B 305 -35.27 -2.64 19.81
CA THR B 305 -36.40 -1.73 19.64
C THR B 305 -35.85 -0.34 19.38
N VAL B 306 -36.73 0.55 18.92
CA VAL B 306 -36.30 1.92 18.63
C VAL B 306 -35.81 2.59 19.92
N GLU B 307 -36.44 2.29 21.05
CA GLU B 307 -36.01 2.87 22.32
C GLU B 307 -34.62 2.37 22.72
N LYS B 308 -34.42 1.05 22.66
CA LYS B 308 -33.10 0.50 22.98
C LYS B 308 -32.05 1.03 22.02
N ALA B 309 -32.42 1.23 20.75
CA ALA B 309 -31.48 1.81 19.79
C ALA B 309 -31.18 3.26 20.11
N GLU B 310 -32.22 4.06 20.37
CA GLU B 310 -32.02 5.46 20.70
C GLU B 310 -31.28 5.64 22.02
N THR B 311 -31.52 4.76 22.99
CA THR B 311 -30.85 4.88 24.29
C THR B 311 -29.36 4.61 24.17
N LEU B 312 -28.98 3.53 23.48
CA LEU B 312 -27.58 3.18 23.37
C LEU B 312 -26.82 4.16 22.50
N ILE B 313 -27.43 4.62 21.41
CA ILE B 313 -26.80 5.63 20.56
C ILE B 313 -26.62 6.93 21.34
N GLY B 314 -27.61 7.29 22.16
CA GLY B 314 -27.46 8.48 22.99
C GLY B 314 -26.34 8.37 24.00
N LYS B 315 -26.13 7.17 24.55
CA LYS B 315 -25.03 6.92 25.46
C LYS B 315 -23.69 6.77 24.74
N GLY B 316 -23.68 6.83 23.41
CA GLY B 316 -22.44 6.66 22.67
C GLY B 316 -21.91 5.24 22.65
N LEU B 317 -22.72 4.27 23.04
CA LEU B 317 -22.25 2.88 23.09
C LEU B 317 -22.30 2.21 21.74
N ILE B 318 -23.31 2.53 20.92
CA ILE B 318 -23.39 2.06 19.55
C ILE B 318 -23.65 3.26 18.64
N ASP B 319 -23.48 3.03 17.34
CA ASP B 319 -23.68 4.08 16.34
C ASP B 319 -24.81 3.78 15.38
N ALA B 320 -25.24 2.54 15.26
CA ALA B 320 -26.35 2.17 14.39
C ALA B 320 -26.96 0.88 14.92
N VAL B 321 -28.14 0.56 14.41
CA VAL B 321 -28.85 -0.66 14.77
C VAL B 321 -29.18 -1.42 13.50
N ALA B 322 -29.06 -2.75 13.56
CA ALA B 322 -29.42 -3.62 12.44
C ALA B 322 -30.65 -4.42 12.84
N PHE B 323 -31.75 -4.17 12.15
CA PHE B 323 -32.96 -4.96 12.35
C PHE B 323 -33.02 -6.09 11.34
N GLY B 324 -33.55 -7.22 11.77
CA GLY B 324 -33.65 -8.37 10.90
C GLY B 324 -35.07 -8.69 10.46
N ARG B 325 -35.83 -9.34 11.34
CA ARG B 325 -37.17 -9.79 10.98
C ARG B 325 -38.08 -8.62 10.59
N ASP B 326 -37.90 -7.46 11.22
CA ASP B 326 -38.72 -6.31 10.86
C ASP B 326 -38.49 -5.86 9.43
N TRP B 327 -37.26 -6.01 8.92
CA TRP B 327 -37.00 -5.67 7.53
C TRP B 327 -37.61 -6.67 6.57
N ILE B 328 -37.75 -7.93 7.00
CA ILE B 328 -38.38 -8.95 6.16
C ILE B 328 -39.79 -8.52 5.78
N ALA B 329 -40.56 -8.06 6.77
CA ALA B 329 -41.97 -7.75 6.57
C ALA B 329 -42.24 -6.31 6.19
N ASN B 330 -41.26 -5.41 6.34
CA ASN B 330 -41.48 -3.98 6.11
C ASN B 330 -40.43 -3.43 5.16
N PRO B 331 -40.74 -3.35 3.86
CA PRO B 331 -39.76 -2.78 2.92
C PRO B 331 -39.48 -1.32 3.18
N ASP B 332 -40.44 -0.57 3.74
CA ASP B 332 -40.22 0.82 4.10
C ASP B 332 -40.13 0.97 5.60
N LEU B 333 -39.29 0.15 6.24
CA LEU B 333 -39.21 0.15 7.70
C LEU B 333 -38.75 1.49 8.24
N VAL B 334 -37.81 2.14 7.55
CA VAL B 334 -37.33 3.45 8.00
C VAL B 334 -38.48 4.45 8.03
N ALA B 335 -39.32 4.43 6.99
CA ALA B 335 -40.46 5.35 6.95
C ALA B 335 -41.49 5.00 8.02
N ARG B 336 -41.69 3.71 8.27
CA ARG B 336 -42.66 3.30 9.29
C ARG B 336 -42.18 3.66 10.68
N LEU B 337 -40.88 3.55 10.94
CA LEU B 337 -40.36 3.91 12.26
C LEU B 337 -40.39 5.41 12.48
N GLN B 338 -40.13 6.20 11.44
CA GLN B 338 -40.14 7.65 11.60
C GLN B 338 -41.56 8.17 11.84
N ARG B 339 -42.53 7.64 11.10
CA ARG B 339 -43.93 8.04 11.27
C ARG B 339 -44.58 7.40 12.49
N LYS B 340 -43.86 6.56 13.23
CA LYS B 340 -44.41 5.83 14.38
C LYS B 340 -45.63 5.02 13.98
N ALA B 341 -45.58 4.41 12.80
CA ALA B 341 -46.67 3.59 12.29
C ALA B 341 -46.44 2.13 12.62
N GLU B 342 -47.52 1.34 12.54
CA GLU B 342 -47.43 -0.08 12.82
C GLU B 342 -46.79 -0.82 11.66
N LEU B 343 -46.21 -1.97 11.98
CA LEU B 343 -45.47 -2.77 11.01
C LEU B 343 -46.34 -3.93 10.50
N ASN B 344 -45.99 -4.41 9.30
CA ASN B 344 -46.65 -5.56 8.74
C ASN B 344 -46.39 -6.78 9.61
N PRO B 345 -47.36 -7.69 9.73
CA PRO B 345 -47.11 -8.95 10.42
C PRO B 345 -46.18 -9.84 9.60
N GLN B 346 -45.30 -10.55 10.31
CA GLN B 346 -44.34 -11.42 9.64
C GLN B 346 -44.97 -12.76 9.32
N ARG B 347 -44.68 -13.28 8.13
CA ARG B 347 -45.13 -14.60 7.71
C ARG B 347 -43.92 -15.52 7.77
N ALA B 348 -43.73 -16.15 8.94
CA ALA B 348 -42.52 -16.93 9.17
C ALA B 348 -42.46 -18.17 8.30
N GLU B 349 -43.62 -18.69 7.86
CA GLU B 349 -43.63 -19.87 7.02
C GLU B 349 -42.94 -19.65 5.67
N SER B 350 -42.76 -18.39 5.26
CA SER B 350 -42.15 -18.06 3.99
C SER B 350 -40.81 -17.36 4.14
N PHE B 351 -40.16 -17.50 5.30
CA PHE B 351 -38.83 -16.91 5.47
C PHE B 351 -37.80 -17.56 4.54
N TYR B 352 -37.90 -18.88 4.37
CA TYR B 352 -36.89 -19.66 3.67
C TYR B 352 -37.49 -20.36 2.47
N GLY B 353 -36.78 -20.30 1.33
CA GLY B 353 -37.21 -20.97 0.13
C GLY B 353 -38.46 -20.35 -0.47
N GLY B 354 -38.94 -20.99 -1.54
CA GLY B 354 -40.12 -20.52 -2.24
C GLY B 354 -39.82 -19.45 -3.25
N GLY B 355 -40.79 -18.57 -3.50
CA GLY B 355 -40.61 -17.51 -4.48
C GLY B 355 -40.95 -16.13 -3.96
N ALA B 356 -41.78 -15.41 -4.72
CA ALA B 356 -42.10 -14.02 -4.35
C ALA B 356 -42.95 -13.96 -3.09
N GLU B 357 -43.71 -15.01 -2.80
CA GLU B 357 -44.59 -15.01 -1.64
C GLU B 357 -43.78 -14.93 -0.36
N GLY B 358 -44.13 -13.97 0.50
CA GLY B 358 -43.39 -13.75 1.72
C GLY B 358 -41.99 -13.21 1.51
N TYR B 359 -41.73 -12.63 0.35
CA TYR B 359 -40.39 -12.14 0.00
C TYR B 359 -40.50 -10.72 -0.56
N THR B 360 -41.24 -10.57 -1.64
CA THR B 360 -41.43 -9.28 -2.29
C THR B 360 -42.86 -8.79 -2.24
N ASP B 361 -43.76 -9.49 -1.56
CA ASP B 361 -45.19 -9.15 -1.55
C ASP B 361 -45.60 -8.40 -0.29
N TYR B 362 -44.65 -7.98 0.55
CA TYR B 362 -45.01 -7.17 1.71
C TYR B 362 -45.28 -5.74 1.26
N PRO B 363 -46.39 -5.14 1.69
CA PRO B 363 -46.74 -3.79 1.22
C PRO B 363 -46.03 -2.70 2.00
N THR B 364 -45.91 -1.55 1.35
CA THR B 364 -45.43 -0.33 1.99
C THR B 364 -46.61 0.42 2.60
N LEU B 365 -46.34 1.59 3.15
CA LEU B 365 -47.40 2.46 3.66
C LEU B 365 -48.21 3.05 2.50
N GLU C 4 30.91 -18.57 9.68
CA GLU C 4 31.20 -17.99 10.98
C GLU C 4 29.93 -17.93 11.84
N LYS C 5 29.83 -16.88 12.66
CA LYS C 5 28.65 -16.64 13.46
C LYS C 5 27.93 -15.34 13.12
N LEU C 6 28.60 -14.39 12.47
CA LEU C 6 27.99 -13.13 12.06
C LEU C 6 26.92 -13.30 10.98
N TYR C 7 26.75 -14.51 10.44
CA TYR C 7 25.86 -14.72 9.31
C TYR C 7 24.78 -15.77 9.61
N SER C 8 24.67 -16.21 10.87
CA SER C 8 23.68 -17.13 11.40
C SER C 8 22.43 -16.37 11.85
N PRO C 9 21.26 -17.02 11.84
CA PRO C 9 20.03 -16.33 12.24
C PRO C 9 20.06 -15.93 13.71
N LEU C 10 19.33 -14.86 14.02
CA LEU C 10 19.24 -14.35 15.38
C LEU C 10 17.81 -13.89 15.63
N LYS C 11 17.20 -14.42 16.69
CA LYS C 11 15.85 -14.03 17.06
C LYS C 11 15.87 -12.64 17.69
N VAL C 12 15.26 -11.67 17.02
CA VAL C 12 15.22 -10.29 17.50
C VAL C 12 13.79 -9.94 17.85
N GLY C 13 13.31 -10.42 18.98
CA GLY C 13 11.94 -10.14 19.39
C GLY C 13 10.96 -10.98 18.60
N ALA C 14 9.93 -10.33 18.06
CA ALA C 14 8.89 -11.03 17.32
C ALA C 14 9.36 -11.58 15.97
N ILE C 15 10.54 -11.17 15.51
CA ILE C 15 11.06 -11.65 14.23
C ILE C 15 12.34 -12.44 14.46
N THR C 16 12.93 -12.94 13.37
CA THR C 16 14.20 -13.65 13.43
C THR C 16 15.09 -13.09 12.31
N ALA C 17 16.16 -12.40 12.70
CA ALA C 17 17.07 -11.82 11.73
C ALA C 17 17.79 -12.92 10.95
N ALA C 18 18.08 -12.63 9.67
CA ALA C 18 18.77 -13.61 8.84
C ALA C 18 20.23 -13.74 9.22
N ASN C 19 20.86 -12.66 9.69
CA ASN C 19 22.27 -12.67 10.04
C ASN C 19 22.49 -11.71 11.20
N ARG C 20 23.75 -11.50 11.56
CA ARG C 20 24.12 -10.59 12.64
C ARG C 20 24.60 -9.23 12.16
N ILE C 21 24.61 -9.01 10.84
CA ILE C 21 25.06 -7.74 10.27
C ILE C 21 23.83 -6.86 10.10
N PHE C 22 23.65 -5.92 11.03
CA PHE C 22 22.51 -5.01 11.01
C PHE C 22 22.89 -3.69 10.35
N MET C 23 21.88 -3.01 9.83
CA MET C 23 22.06 -1.71 9.18
C MET C 23 21.65 -0.61 10.17
N ALA C 24 22.63 0.15 10.63
CA ALA C 24 22.38 1.21 11.60
C ALA C 24 21.53 2.32 10.97
N PRO C 25 20.83 3.10 11.80
CA PRO C 25 20.06 4.23 11.25
C PRO C 25 20.97 5.26 10.61
N LEU C 26 20.56 5.72 9.43
CA LEU C 26 21.39 6.63 8.61
C LEU C 26 20.49 7.71 8.02
N THR C 27 20.47 8.87 8.68
CA THR C 27 19.74 10.03 8.17
C THR C 27 20.34 10.48 6.84
N ARG C 28 19.50 10.57 5.81
CA ARG C 28 19.95 10.96 4.49
C ARG C 28 19.33 12.26 3.99
N LEU C 29 18.26 12.75 4.63
CA LEU C 29 17.68 14.06 4.33
C LEU C 29 17.23 14.17 2.88
N ARG C 30 16.62 13.10 2.36
CA ARG C 30 16.18 13.05 0.97
C ARG C 30 14.67 12.86 0.85
N SER C 31 13.92 13.30 1.86
CA SER C 31 12.47 13.17 1.83
C SER C 31 11.83 14.40 1.19
N ILE C 32 10.65 14.17 0.58
CA ILE C 32 9.92 15.26 -0.05
C ILE C 32 9.45 16.25 0.99
N GLU C 33 9.76 17.53 0.78
CA GLU C 33 9.27 18.60 1.64
C GLU C 33 8.57 19.66 0.80
N PRO C 34 7.48 20.25 1.31
CA PRO C 34 6.89 19.99 2.63
C PRO C 34 6.12 18.69 2.71
N GLY C 35 5.94 18.18 3.92
CA GLY C 35 5.25 16.94 4.18
C GLY C 35 6.11 15.84 4.77
N ASP C 36 7.43 15.89 4.56
CA ASP C 36 8.37 14.89 5.08
C ASP C 36 7.98 13.49 4.61
N ILE C 37 7.72 13.37 3.31
CA ILE C 37 7.20 12.14 2.72
C ILE C 37 8.36 11.27 2.24
N PRO C 38 8.39 9.99 2.61
CA PRO C 38 9.38 9.08 2.01
C PRO C 38 9.17 8.98 0.51
N THR C 39 10.28 8.84 -0.21
CA THR C 39 10.31 8.90 -1.66
C THR C 39 10.50 7.53 -2.28
N PRO C 40 10.16 7.37 -3.56
CA PRO C 40 10.45 6.09 -4.25
C PRO C 40 11.93 5.76 -4.31
N LEU C 41 12.82 6.75 -4.19
CA LEU C 41 14.25 6.44 -4.14
C LEU C 41 14.64 5.79 -2.83
N MET C 42 13.96 6.17 -1.73
CA MET C 42 14.22 5.51 -0.45
C MET C 42 13.79 4.05 -0.48
N ALA C 43 12.73 3.74 -1.20
CA ALA C 43 12.31 2.34 -1.33
C ALA C 43 13.37 1.51 -2.04
N GLU C 44 13.99 2.09 -3.08
CA GLU C 44 15.10 1.40 -3.74
C GLU C 44 16.35 1.38 -2.87
N TYR C 45 16.60 2.48 -2.15
CA TYR C 45 17.76 2.54 -1.28
C TYR C 45 17.71 1.46 -0.20
N TYR C 46 16.51 1.17 0.32
CA TYR C 46 16.35 0.14 1.34
C TYR C 46 16.21 -1.26 0.76
N ARG C 47 15.70 -1.39 -0.46
CA ARG C 47 15.60 -2.70 -1.08
C ARG C 47 16.97 -3.24 -1.48
N GLN C 48 17.88 -2.36 -1.90
CA GLN C 48 19.23 -2.79 -2.25
C GLN C 48 19.96 -3.40 -1.06
N ARG C 49 19.54 -3.09 0.16
CA ARG C 49 20.23 -3.51 1.37
C ARG C 49 19.39 -4.50 2.20
N ALA C 50 18.44 -5.19 1.56
CA ALA C 50 17.58 -6.13 2.28
C ALA C 50 18.34 -7.34 2.79
N SER C 51 19.55 -7.60 2.29
CA SER C 51 20.35 -8.72 2.76
C SER C 51 20.78 -8.56 4.22
N ALA C 52 20.59 -7.39 4.81
CA ALA C 52 20.88 -7.19 6.22
C ALA C 52 19.93 -8.02 7.08
N GLY C 53 20.45 -8.51 8.21
CA GLY C 53 19.61 -9.24 9.14
C GLY C 53 18.47 -8.41 9.69
N LEU C 54 18.70 -7.12 9.90
CA LEU C 54 17.67 -6.21 10.39
C LEU C 54 18.00 -4.80 9.92
N ILE C 55 17.17 -4.25 9.04
CA ILE C 55 17.35 -2.88 8.57
C ILE C 55 16.73 -1.94 9.59
N ILE C 56 17.51 -1.02 10.12
CA ILE C 56 17.03 0.06 10.97
C ILE C 56 16.98 1.31 10.11
N SER C 57 15.77 1.82 9.86
CA SER C 57 15.59 2.94 8.96
C SER C 57 16.26 4.20 9.52
N GLU C 58 16.30 5.23 8.69
CA GLU C 58 16.75 6.53 9.16
C GLU C 58 15.80 7.05 10.22
N ALA C 59 16.30 7.96 11.04
CA ALA C 59 15.50 8.53 12.12
C ALA C 59 14.27 9.22 11.55
N THR C 60 13.10 8.86 12.06
CA THR C 60 11.82 9.31 11.52
C THR C 60 11.02 10.01 12.61
N GLN C 61 10.48 11.17 12.28
CA GLN C 61 9.83 12.02 13.28
C GLN C 61 8.49 11.42 13.72
N ILE C 62 8.22 11.51 15.02
CA ILE C 62 6.96 11.03 15.56
C ILE C 62 5.84 12.04 15.35
N SER C 63 6.16 13.31 15.15
CA SER C 63 5.17 14.35 14.98
C SER C 63 5.81 15.49 14.19
N ALA C 64 5.03 16.54 13.94
CA ALA C 64 5.58 17.73 13.30
C ALA C 64 6.49 18.49 14.24
N GLN C 65 6.22 18.43 15.55
CA GLN C 65 7.08 19.09 16.52
C GLN C 65 8.43 18.40 16.66
N ALA C 66 8.48 17.09 16.35
CA ALA C 66 9.72 16.33 16.48
C ALA C 66 10.72 16.66 15.37
N LYS C 67 10.33 17.43 14.38
CA LYS C 67 11.22 17.70 13.24
C LYS C 67 12.33 18.65 13.65
N GLY C 68 13.57 18.26 13.35
CA GLY C 68 14.72 19.08 13.66
C GLY C 68 15.71 19.14 12.52
N TYR C 69 15.47 18.34 11.49
CA TYR C 69 16.29 18.35 10.27
C TYR C 69 15.38 18.54 9.07
N ALA C 70 15.91 19.22 8.05
CA ALA C 70 15.19 19.44 6.80
C ALA C 70 15.51 18.29 5.85
N GLY C 71 14.49 17.52 5.48
CA GLY C 71 14.65 16.36 4.63
C GLY C 71 14.48 15.03 5.34
N ALA C 72 14.29 15.04 6.66
CA ALA C 72 14.07 13.79 7.38
C ALA C 72 12.62 13.36 7.24
N PRO C 73 12.34 12.06 7.11
CA PRO C 73 10.97 11.60 6.88
C PRO C 73 10.14 11.60 8.14
N GLY C 74 8.82 11.58 7.94
CA GLY C 74 7.87 11.51 9.03
C GLY C 74 7.05 10.23 8.94
N ILE C 75 6.27 9.99 10.00
CA ILE C 75 5.43 8.80 10.07
C ILE C 75 4.19 9.16 10.90
N HIS C 76 3.72 10.40 10.76
CA HIS C 76 2.59 10.89 11.53
C HIS C 76 1.43 11.37 10.65
N SER C 77 1.58 11.38 9.33
CA SER C 77 0.50 11.75 8.43
C SER C 77 0.13 10.58 7.54
N PRO C 78 -1.12 10.53 7.05
CA PRO C 78 -1.53 9.36 6.25
C PRO C 78 -0.68 9.12 5.02
N GLU C 79 -0.20 10.18 4.37
CA GLU C 79 0.64 9.98 3.19
C GLU C 79 2.05 9.52 3.55
N GLN C 80 2.51 9.83 4.76
CA GLN C 80 3.78 9.30 5.24
C GLN C 80 3.68 7.81 5.54
N ILE C 81 2.59 7.40 6.20
CA ILE C 81 2.38 5.99 6.51
C ILE C 81 2.23 5.17 5.24
N ALA C 82 1.50 5.71 4.26
CA ALA C 82 1.31 5.00 2.99
C ALA C 82 2.61 4.86 2.22
N ALA C 83 3.50 5.85 2.31
CA ALA C 83 4.78 5.76 1.61
C ALA C 83 5.71 4.76 2.30
N TRP C 84 5.69 4.73 3.64
CA TRP C 84 6.51 3.77 4.36
C TRP C 84 6.07 2.34 4.09
N LYS C 85 4.75 2.12 3.95
CA LYS C 85 4.25 0.77 3.73
C LYS C 85 4.70 0.21 2.39
N LYS C 86 4.88 1.08 1.39
CA LYS C 86 5.45 0.67 0.12
C LYS C 86 6.95 0.44 0.21
N ILE C 87 7.63 1.05 1.19
CA ILE C 87 9.04 0.79 1.39
C ILE C 87 9.24 -0.51 2.16
N THR C 88 8.42 -0.76 3.19
CA THR C 88 8.52 -2.00 3.93
C THR C 88 8.13 -3.20 3.08
N ALA C 89 7.17 -3.03 2.16
CA ALA C 89 6.78 -4.13 1.29
C ALA C 89 7.88 -4.50 0.32
N GLY C 90 8.71 -3.53 -0.09
CA GLY C 90 9.82 -3.85 -0.96
C GLY C 90 10.92 -4.62 -0.25
N VAL C 91 11.18 -4.28 1.01
CA VAL C 91 12.16 -5.03 1.80
C VAL C 91 11.62 -6.41 2.15
N HIS C 92 10.32 -6.49 2.46
CA HIS C 92 9.72 -7.78 2.80
C HIS C 92 9.67 -8.72 1.61
N ALA C 93 9.51 -8.19 0.40
CA ALA C 93 9.43 -9.03 -0.79
C ALA C 93 10.73 -9.78 -1.05
N GLU C 94 11.84 -9.30 -0.51
CA GLU C 94 13.14 -9.96 -0.63
C GLU C 94 13.55 -10.62 0.68
N ASN C 95 12.58 -11.08 1.46
CA ASN C 95 12.82 -11.80 2.72
C ASN C 95 13.59 -10.95 3.73
N GLY C 96 13.49 -9.62 3.61
CA GLY C 96 14.16 -8.73 4.53
C GLY C 96 13.29 -8.33 5.71
N HIS C 97 13.94 -7.76 6.72
CA HIS C 97 13.28 -7.28 7.93
C HIS C 97 13.69 -5.85 8.18
N MET C 98 12.71 -4.99 8.48
CA MET C 98 12.97 -3.56 8.63
C MET C 98 12.30 -3.03 9.89
N ALA C 99 13.01 -2.15 10.59
CA ALA C 99 12.48 -1.43 11.74
C ALA C 99 12.62 0.07 11.49
N VAL C 100 11.78 0.85 12.17
CA VAL C 100 11.77 2.30 12.04
C VAL C 100 12.25 2.90 13.35
N GLN C 101 13.17 3.87 13.25
CA GLN C 101 13.69 4.57 14.41
C GLN C 101 12.85 5.83 14.63
N LEU C 102 12.00 5.82 15.64
CA LEU C 102 11.18 6.96 15.99
C LEU C 102 11.94 7.88 16.95
N TRP C 103 12.05 9.15 16.59
CA TRP C 103 12.81 10.10 17.40
C TRP C 103 12.03 11.38 17.59
N HIS C 104 12.54 12.21 18.50
CA HIS C 104 12.10 13.58 18.69
C HIS C 104 13.37 14.41 18.84
N THR C 105 13.58 15.37 17.94
CA THR C 105 14.86 16.07 17.88
C THR C 105 15.07 16.95 19.11
N GLY C 106 14.01 17.42 19.74
CA GLY C 106 14.16 18.25 20.93
C GLY C 106 14.83 19.58 20.58
N ARG C 107 15.86 19.93 21.34
CA ARG C 107 16.55 21.20 21.16
C ARG C 107 17.51 21.19 19.96
N ILE C 108 17.69 20.06 19.30
CA ILE C 108 18.51 20.00 18.08
C ILE C 108 17.57 20.23 16.92
N SER C 109 17.24 21.50 16.70
CA SER C 109 16.26 21.88 15.70
C SER C 109 16.44 23.36 15.37
N HIS C 110 15.62 23.84 14.45
CA HIS C 110 15.58 25.26 14.08
C HIS C 110 14.13 25.71 14.09
N ALA C 111 13.93 27.02 14.37
CA ALA C 111 12.58 27.55 14.46
C ALA C 111 11.85 27.46 13.12
N SER C 112 12.58 27.52 12.01
CA SER C 112 11.93 27.47 10.70
C SER C 112 11.35 26.10 10.38
N LEU C 113 11.85 25.04 11.02
CA LEU C 113 11.32 23.69 10.81
C LEU C 113 10.13 23.37 11.70
N GLN C 114 9.92 24.12 12.77
CA GLN C 114 8.86 23.84 13.72
C GLN C 114 7.51 24.33 13.19
N PRO C 115 6.41 23.77 13.68
CA PRO C 115 5.09 24.29 13.30
C PRO C 115 4.91 25.73 13.75
N GLY C 116 4.46 26.58 12.81
CA GLY C 116 4.25 27.98 13.09
C GLY C 116 5.50 28.79 13.27
N GLY C 117 6.68 28.22 13.06
CA GLY C 117 7.92 28.95 13.26
C GLY C 117 8.29 29.19 14.70
N GLN C 118 7.88 28.29 15.59
CA GLN C 118 8.12 28.45 17.02
C GLN C 118 9.44 27.84 17.44
N ALA C 119 9.83 28.12 18.68
CA ALA C 119 11.05 27.55 19.23
C ALA C 119 10.85 26.05 19.51
N PRO C 120 11.90 25.25 19.40
CA PRO C 120 11.78 23.82 19.70
C PRO C 120 11.56 23.59 21.19
N VAL C 121 11.20 22.34 21.51
CA VAL C 121 10.91 21.95 22.89
C VAL C 121 12.09 21.17 23.44
N ALA C 122 12.21 21.18 24.76
CA ALA C 122 13.31 20.54 25.45
C ALA C 122 12.95 20.44 26.94
N PRO C 123 13.61 19.55 27.69
CA PRO C 123 13.36 19.51 29.13
C PRO C 123 13.68 20.82 29.83
N SER C 124 14.80 21.45 29.46
CA SER C 124 15.18 22.74 29.98
C SER C 124 15.51 23.69 28.83
N ALA C 125 15.52 24.98 29.13
CA ALA C 125 15.83 26.01 28.14
C ALA C 125 17.35 26.20 28.03
N LEU C 126 18.02 25.13 27.63
CA LEU C 126 19.47 25.12 27.46
C LEU C 126 19.79 24.93 25.97
N SER C 127 20.61 25.84 25.43
CA SER C 127 20.97 25.76 24.02
C SER C 127 21.84 24.53 23.77
N ALA C 128 21.65 23.92 22.60
CA ALA C 128 22.40 22.70 22.27
C ALA C 128 23.86 23.00 21.99
N GLY C 129 24.17 24.22 21.55
CA GLY C 129 25.54 24.59 21.23
C GLY C 129 26.08 24.00 19.94
N THR C 130 25.26 23.26 19.19
CA THR C 130 25.70 22.68 17.92
C THR C 130 24.86 23.24 16.78
N ARG C 131 24.81 22.52 15.66
CA ARG C 131 24.08 22.97 14.49
C ARG C 131 23.09 21.89 14.04
N THR C 132 22.20 22.28 13.13
CA THR C 132 21.26 21.37 12.50
C THR C 132 21.36 21.56 10.99
N SER C 133 20.55 20.80 10.25
CA SER C 133 20.57 20.81 8.79
C SER C 133 19.29 21.41 8.25
N LEU C 134 19.41 22.51 7.52
CA LEU C 134 18.30 23.12 6.81
C LEU C 134 18.50 22.93 5.31
N ARG C 135 17.60 23.53 4.52
CA ARG C 135 17.71 23.51 3.07
C ARG C 135 17.72 24.95 2.55
N ASP C 136 18.57 25.20 1.55
CA ASP C 136 18.74 26.53 1.01
C ASP C 136 17.78 26.73 -0.17
N GLU C 137 18.00 27.81 -0.92
CA GLU C 137 17.16 28.12 -2.08
C GLU C 137 17.41 27.22 -3.27
N ASN C 138 18.40 26.33 -3.20
CA ASN C 138 18.67 25.37 -4.26
C ASN C 138 18.15 23.97 -3.95
N GLY C 139 17.77 23.70 -2.71
CA GLY C 139 17.30 22.39 -2.33
C GLY C 139 18.35 21.46 -1.76
N GLN C 140 19.44 22.00 -1.22
CA GLN C 140 20.52 21.20 -0.65
C GLN C 140 20.70 21.54 0.82
N ALA C 141 21.41 20.66 1.52
CA ALA C 141 21.55 20.76 2.97
C ALA C 141 22.62 21.78 3.35
N ILE C 142 22.32 22.59 4.36
CA ILE C 142 23.26 23.54 4.94
C ILE C 142 23.19 23.42 6.45
N ARG C 143 24.24 23.91 7.11
CA ARG C 143 24.37 23.82 8.57
C ARG C 143 24.01 25.17 9.20
N VAL C 144 23.09 25.14 10.16
CA VAL C 144 22.64 26.33 10.87
C VAL C 144 22.61 26.01 12.36
N GLU C 145 23.09 26.95 13.18
CA GLU C 145 23.08 26.76 14.62
C GLU C 145 21.67 26.53 15.14
N THR C 146 21.55 25.66 16.14
CA THR C 146 20.25 25.34 16.71
C THR C 146 19.71 26.52 17.50
N SER C 147 18.40 26.73 17.41
CA SER C 147 17.75 27.85 18.10
C SER C 147 17.57 27.52 19.58
N MET C 148 17.31 28.57 20.36
CA MET C 148 17.11 28.40 21.79
C MET C 148 15.80 27.64 22.04
N PRO C 149 15.83 26.55 22.79
CA PRO C 149 14.61 25.76 22.98
C PRO C 149 13.74 26.30 24.10
N ARG C 150 12.47 25.93 24.03
CA ARG C 150 11.50 26.24 25.07
C ARG C 150 11.38 25.03 26.00
N ALA C 151 11.37 25.30 27.31
CA ALA C 151 11.27 24.22 28.29
C ALA C 151 9.88 23.61 28.26
N LEU C 152 9.82 22.29 28.14
CA LEU C 152 8.55 21.59 28.09
C LEU C 152 7.82 21.69 29.43
N GLU C 153 6.58 22.14 29.39
CA GLU C 153 5.75 22.13 30.59
C GLU C 153 5.35 20.70 30.92
N LEU C 154 5.05 20.47 32.20
CA LEU C 154 4.59 19.14 32.62
C LEU C 154 3.26 18.79 31.96
N GLU C 155 2.45 19.79 31.63
CA GLU C 155 1.21 19.53 30.90
C GLU C 155 1.45 18.98 29.51
N GLU C 156 2.64 19.17 28.95
CA GLU C 156 2.98 18.72 27.61
C GLU C 156 3.69 17.36 27.58
N ILE C 157 4.19 16.90 28.73
CA ILE C 157 4.89 15.61 28.76
C ILE C 157 3.97 14.46 28.40
N PRO C 158 2.71 14.38 28.88
CA PRO C 158 1.81 13.33 28.36
C PRO C 158 1.62 13.38 26.86
N GLY C 159 1.58 14.58 26.27
CA GLY C 159 1.47 14.68 24.83
C GLY C 159 2.66 14.10 24.09
N ILE C 160 3.83 14.13 24.71
CA ILE C 160 5.02 13.57 24.07
C ILE C 160 4.99 12.06 24.11
N VAL C 161 4.51 11.48 25.22
CA VAL C 161 4.42 10.03 25.31
C VAL C 161 3.39 9.49 24.33
N ASN C 162 2.25 10.18 24.21
CA ASN C 162 1.23 9.76 23.25
C ASN C 162 1.71 9.93 21.82
N ASP C 163 2.60 10.88 21.56
CA ASP C 163 3.17 11.01 20.22
C ASP C 163 3.99 9.78 19.84
N PHE C 164 4.86 9.33 20.74
CA PHE C 164 5.58 8.08 20.50
C PHE C 164 4.62 6.91 20.38
N ARG C 165 3.57 6.90 21.21
CA ARG C 165 2.61 5.80 21.18
C ARG C 165 1.89 5.73 19.84
N GLN C 166 1.39 6.88 19.36
CA GLN C 166 0.70 6.90 18.07
C GLN C 166 1.65 6.57 16.93
N ALA C 167 2.90 7.06 17.00
CA ALA C 167 3.88 6.73 15.97
C ALA C 167 4.24 5.25 16.00
N ILE C 168 4.23 4.62 17.18
CA ILE C 168 4.45 3.19 17.25
C ILE C 168 3.28 2.45 16.60
N ALA C 169 2.05 2.93 16.83
CA ALA C 169 0.89 2.34 16.16
C ALA C 169 0.96 2.55 14.66
N ASN C 170 1.41 3.74 14.21
CA ASN C 170 1.60 3.98 12.79
C ASN C 170 2.70 3.11 12.22
N ALA C 171 3.70 2.77 13.03
CA ALA C 171 4.77 1.89 12.57
C ALA C 171 4.23 0.49 12.28
N ARG C 172 3.31 0.01 13.11
CA ARG C 172 2.66 -1.27 12.84
C ARG C 172 1.78 -1.19 11.60
N GLU C 173 1.13 -0.05 11.39
CA GLU C 173 0.27 0.13 10.22
C GLU C 173 1.09 0.14 8.92
N ALA C 174 2.32 0.66 8.97
CA ALA C 174 3.17 0.74 7.79
C ALA C 174 3.93 -0.55 7.51
N GLY C 175 3.65 -1.62 8.25
CA GLY C 175 4.27 -2.90 7.96
C GLY C 175 5.67 -3.11 8.51
N PHE C 176 6.13 -2.23 9.40
CA PHE C 176 7.44 -2.43 10.01
C PHE C 176 7.41 -3.63 10.96
N ASP C 177 8.56 -4.27 11.11
CA ASP C 177 8.67 -5.43 11.99
C ASP C 177 8.96 -5.03 13.43
N LEU C 178 9.81 -4.03 13.64
CA LEU C 178 10.19 -3.59 14.97
C LEU C 178 10.17 -2.07 15.02
N VAL C 179 10.34 -1.54 16.22
CA VAL C 179 10.44 -0.11 16.47
C VAL C 179 11.68 0.16 17.29
N GLU C 180 12.45 1.17 16.91
CA GLU C 180 13.66 1.56 17.63
C GLU C 180 13.44 2.94 18.23
N LEU C 181 13.29 3.01 19.55
CA LEU C 181 13.13 4.28 20.24
C LEU C 181 14.49 4.99 20.31
N HIS C 182 14.60 6.12 19.62
CA HIS C 182 15.87 6.85 19.54
C HIS C 182 16.10 7.56 20.87
N SER C 183 16.88 6.94 21.74
CA SER C 183 17.22 7.53 23.03
C SER C 183 18.72 7.80 23.10
N ALA C 184 19.24 8.52 22.10
CA ALA C 184 20.68 8.72 21.96
C ALA C 184 20.94 9.94 21.10
N HIS C 185 22.22 10.29 20.97
CA HIS C 185 22.68 11.34 20.05
C HIS C 185 22.03 12.69 20.35
N GLY C 186 22.01 13.06 21.63
CA GLY C 186 21.62 14.39 22.05
C GLY C 186 20.20 14.80 21.73
N PHE C 187 19.33 13.84 21.41
CA PHE C 187 17.96 14.16 21.06
C PHE C 187 17.06 14.10 22.31
N LEU C 188 15.76 14.29 22.11
CA LEU C 188 14.86 14.60 23.24
C LEU C 188 14.96 13.57 24.36
N LEU C 189 14.82 12.29 24.02
CA LEU C 189 14.88 11.25 25.04
C LEU C 189 16.23 11.24 25.75
N HIS C 190 17.31 11.53 25.02
CA HIS C 190 18.63 11.61 25.64
C HIS C 190 18.80 12.91 26.41
N GLN C 191 18.11 13.98 26.00
CA GLN C 191 18.23 15.25 26.71
C GLN C 191 17.63 15.16 28.11
N PHE C 192 16.56 14.39 28.27
CA PHE C 192 16.03 14.15 29.62
C PHE C 192 16.98 13.27 30.42
N LEU C 193 17.66 12.32 29.76
CA LEU C 193 18.57 11.43 30.47
C LEU C 193 19.80 12.19 30.97
N SER C 194 20.43 12.97 30.10
CA SER C 194 21.68 13.61 30.45
C SER C 194 21.47 14.68 31.53
N PRO C 195 22.29 14.69 32.58
CA PRO C 195 22.12 15.74 33.60
C PRO C 195 22.47 17.13 33.10
N SER C 196 23.45 17.25 32.21
CA SER C 196 23.86 18.56 31.72
C SER C 196 22.78 19.23 30.88
N SER C 197 21.85 18.46 30.32
CA SER C 197 20.75 19.01 29.54
C SER C 197 19.44 19.04 30.30
N ASN C 198 19.26 18.17 31.29
CA ASN C 198 18.03 18.11 32.09
C ASN C 198 18.30 18.84 33.40
N HIS C 199 17.85 20.09 33.48
CA HIS C 199 17.94 20.89 34.69
C HIS C 199 16.60 21.05 35.39
N ARG C 200 15.67 20.13 35.14
CA ARG C 200 14.36 20.20 35.77
C ARG C 200 14.46 19.81 37.24
N THR C 201 13.54 20.35 38.04
CA THR C 201 13.48 20.09 39.47
C THR C 201 12.17 19.42 39.88
N ASP C 202 11.55 18.71 38.94
CA ASP C 202 10.32 17.99 39.20
C ASP C 202 10.59 16.48 39.14
N GLN C 203 9.55 15.70 38.83
CA GLN C 203 9.67 14.25 38.76
C GLN C 203 10.30 13.78 37.45
N TYR C 204 10.58 14.69 36.51
CA TYR C 204 11.30 14.34 35.29
C TYR C 204 12.71 14.92 35.29
N GLY C 205 13.25 15.24 36.46
CA GLY C 205 14.61 15.75 36.57
C GLY C 205 15.15 15.53 37.96
N GLY C 206 16.47 15.66 38.09
CA GLY C 206 17.11 15.47 39.37
C GLY C 206 17.81 14.14 39.49
N SER C 207 17.11 13.14 40.01
CA SER C 207 17.68 11.81 40.18
C SER C 207 17.75 11.09 38.84
N VAL C 208 18.45 9.94 38.84
CA VAL C 208 18.62 9.19 37.60
C VAL C 208 17.30 8.56 37.17
N GLU C 209 16.49 8.11 38.13
CA GLU C 209 15.19 7.56 37.78
C GLU C 209 14.25 8.63 37.24
N ASN C 210 14.34 9.85 37.77
CA ASN C 210 13.56 10.95 37.23
C ASN C 210 14.05 11.35 35.84
N ARG C 211 15.37 11.33 35.64
CA ARG C 211 15.91 11.61 34.32
C ARG C 211 15.64 10.49 33.33
N ALA C 212 15.32 9.29 33.81
CA ALA C 212 14.92 8.16 32.97
C ALA C 212 13.42 7.91 33.00
N ARG C 213 12.65 8.80 33.64
CA ARG C 213 11.22 8.56 33.76
C ARG C 213 10.52 8.66 32.42
N LEU C 214 10.85 9.70 31.63
CA LEU C 214 10.17 9.89 30.34
C LEU C 214 10.49 8.77 29.37
N VAL C 215 11.76 8.34 29.30
CA VAL C 215 12.13 7.31 28.34
C VAL C 215 11.54 5.95 28.75
N LEU C 216 11.34 5.73 30.05
CA LEU C 216 10.75 4.48 30.51
C LEU C 216 9.24 4.48 30.34
N GLU C 217 8.60 5.65 30.46
CA GLU C 217 7.16 5.73 30.20
C GLU C 217 6.86 5.54 28.72
N VAL C 218 7.76 5.98 27.85
CA VAL C 218 7.58 5.76 26.41
C VAL C 218 7.70 4.27 26.08
N VAL C 219 8.67 3.60 26.69
CA VAL C 219 8.84 2.16 26.48
C VAL C 219 7.58 1.42 26.94
N ASP C 220 7.08 1.77 28.13
CA ASP C 220 5.86 1.14 28.62
C ASP C 220 4.67 1.46 27.72
N ALA C 221 4.63 2.68 27.17
CA ALA C 221 3.56 3.03 26.23
C ALA C 221 3.64 2.18 24.96
N GLY C 222 4.85 1.83 24.54
CA GLY C 222 4.99 0.98 23.36
C GLY C 222 4.74 -0.49 23.63
N ILE C 223 5.00 -0.94 24.85
CA ILE C 223 4.71 -2.32 25.21
C ILE C 223 3.20 -2.55 25.28
N GLU C 224 2.46 -1.57 25.81
CA GLU C 224 1.01 -1.70 25.87
C GLU C 224 0.37 -1.53 24.50
N GLU C 225 0.98 -0.72 23.63
CA GLU C 225 0.40 -0.47 22.32
C GLU C 225 0.61 -1.64 21.37
N TRP C 226 1.85 -2.15 21.30
CA TRP C 226 2.18 -3.22 20.36
C TRP C 226 2.69 -4.46 21.08
N GLY C 227 3.73 -4.34 21.90
CA GLY C 227 4.29 -5.46 22.61
C GLY C 227 5.78 -5.28 22.83
N ALA C 228 6.29 -5.93 23.87
CA ALA C 228 7.71 -5.81 24.20
C ALA C 228 8.59 -6.42 23.12
N ASP C 229 8.15 -7.49 22.48
CA ASP C 229 8.91 -8.11 21.39
C ASP C 229 8.93 -7.26 20.13
N ARG C 230 8.25 -6.12 20.12
CA ARG C 230 8.21 -5.22 18.97
C ARG C 230 8.95 -3.92 19.20
N ILE C 231 9.35 -3.62 20.43
CA ILE C 231 9.91 -2.32 20.80
C ILE C 231 11.38 -2.48 21.13
N GLY C 232 12.24 -1.84 20.34
CA GLY C 232 13.64 -1.71 20.64
C GLY C 232 13.99 -0.28 21.03
N ILE C 233 15.26 -0.09 21.38
CA ILE C 233 15.74 1.21 21.82
C ILE C 233 17.22 1.32 21.48
N ARG C 234 17.65 2.53 21.12
CA ARG C 234 19.06 2.82 20.91
C ARG C 234 19.52 3.84 21.94
N VAL C 235 20.61 3.54 22.62
CA VAL C 235 21.17 4.40 23.66
C VAL C 235 22.60 4.75 23.30
N SER C 236 23.05 5.89 23.79
CA SER C 236 24.46 6.30 23.73
C SER C 236 24.85 6.78 25.13
N PRO C 237 24.98 5.85 26.08
CA PRO C 237 25.08 6.26 27.49
C PRO C 237 26.45 6.73 27.91
N ILE C 238 27.50 6.42 27.16
CA ILE C 238 28.87 6.80 27.53
C ILE C 238 29.43 7.69 26.44
N GLY C 239 30.12 8.75 26.86
CA GLY C 239 30.76 9.67 25.94
C GLY C 239 30.00 10.97 25.77
N THR C 240 30.35 11.70 24.71
CA THR C 240 29.71 12.96 24.38
C THR C 240 29.29 12.93 22.92
N PHE C 241 28.02 13.20 22.66
CA PHE C 241 27.48 13.25 21.31
C PHE C 241 26.60 14.48 21.19
N GLN C 242 26.68 15.15 20.04
CA GLN C 242 25.91 16.36 19.77
C GLN C 242 26.16 17.42 20.85
N ASN C 243 27.42 17.51 21.28
CA ASN C 243 27.84 18.41 22.37
C ASN C 243 27.01 18.18 23.63
N THR C 244 26.65 16.92 23.88
CA THR C 244 25.82 16.55 25.02
C THR C 244 26.45 15.33 25.69
N ASP C 245 27.14 15.54 26.80
CA ASP C 245 27.70 14.45 27.57
C ASP C 245 26.60 13.79 28.40
N ASN C 246 26.97 12.78 29.18
CA ASN C 246 26.04 12.06 30.04
C ASN C 246 26.33 12.34 31.52
N GLY C 247 26.74 13.56 31.83
CA GLY C 247 26.96 13.97 33.19
C GLY C 247 28.22 13.38 33.79
N PRO C 248 28.34 13.45 35.12
CA PRO C 248 29.54 12.92 35.79
C PRO C 248 29.48 11.42 36.01
N ASN C 249 28.38 10.95 36.58
CA ASN C 249 28.21 9.54 36.92
C ASN C 249 27.54 8.77 35.78
N GLU C 250 28.04 8.95 34.55
CA GLU C 250 27.46 8.29 33.40
C GLU C 250 27.61 6.78 33.48
N GLU C 251 28.61 6.29 34.21
CA GLU C 251 28.78 4.85 34.38
C GLU C 251 27.60 4.25 35.15
N ALA C 252 27.17 4.91 36.23
CA ALA C 252 26.10 4.36 37.05
C ALA C 252 24.75 4.55 36.38
N ASP C 253 24.55 5.67 35.68
CA ASP C 253 23.29 5.92 35.02
C ASP C 253 23.06 4.91 33.88
N ALA C 254 24.12 4.51 33.20
CA ALA C 254 24.00 3.51 32.14
C ALA C 254 23.59 2.16 32.71
N LEU C 255 23.94 1.88 33.96
CA LEU C 255 23.57 0.60 34.57
C LEU C 255 22.14 0.61 35.09
N TYR C 256 21.63 1.77 35.50
CA TYR C 256 20.24 1.83 35.96
C TYR C 256 19.28 1.72 34.78
N LEU C 257 19.55 2.44 33.69
CA LEU C 257 18.63 2.45 32.56
C LEU C 257 18.58 1.08 31.88
N ILE C 258 19.73 0.43 31.71
CA ILE C 258 19.77 -0.86 31.03
C ILE C 258 19.12 -1.94 31.89
N GLU C 259 19.26 -1.86 33.22
CA GLU C 259 18.63 -2.85 34.08
C GLU C 259 17.11 -2.71 34.08
N GLN C 260 16.61 -1.46 34.04
CA GLN C 260 15.18 -1.25 33.95
C GLN C 260 14.64 -1.72 32.60
N LEU C 261 15.41 -1.50 31.53
CA LEU C 261 15.00 -2.01 30.22
C LEU C 261 15.04 -3.54 30.17
N GLY C 262 15.97 -4.16 30.91
CA GLY C 262 16.03 -5.61 30.94
C GLY C 262 14.88 -6.25 31.68
N LYS C 263 14.35 -5.57 32.70
CA LYS C 263 13.23 -6.11 33.46
C LYS C 263 11.92 -6.06 32.68
N ARG C 264 11.90 -5.45 31.50
CA ARG C 264 10.71 -5.38 30.67
C ARG C 264 10.75 -6.33 29.48
N GLY C 265 11.91 -6.91 29.17
CA GLY C 265 12.02 -7.87 28.10
C GLY C 265 11.70 -7.31 26.73
N ILE C 266 12.31 -6.18 26.39
CA ILE C 266 12.04 -5.51 25.12
C ILE C 266 12.72 -6.26 23.98
N ALA C 267 12.58 -5.75 22.76
CA ALA C 267 13.10 -6.46 21.58
C ALA C 267 14.62 -6.55 21.62
N TYR C 268 15.30 -5.42 21.75
CA TYR C 268 16.76 -5.41 21.76
C TYR C 268 17.23 -4.12 22.42
N LEU C 269 18.54 -4.07 22.67
CA LEU C 269 19.22 -2.90 23.23
C LEU C 269 20.32 -2.49 22.26
N HIS C 270 20.05 -1.45 21.46
CA HIS C 270 21.04 -0.91 20.53
C HIS C 270 21.91 0.10 21.27
N MET C 271 23.22 -0.02 21.11
CA MET C 271 24.17 0.85 21.80
C MET C 271 25.06 1.53 20.78
N SER C 272 25.03 2.87 20.77
CA SER C 272 25.91 3.67 19.93
C SER C 272 27.18 3.95 20.74
N GLU C 273 28.23 3.19 20.47
CA GLU C 273 29.45 3.25 21.23
C GLU C 273 30.22 4.54 20.91
N PRO C 274 31.05 5.03 21.85
CA PRO C 274 31.82 6.25 21.62
C PRO C 274 33.19 5.99 21.02
N ASP C 275 33.21 5.37 19.84
CA ASP C 275 34.44 5.07 19.12
C ASP C 275 34.47 5.65 17.71
N TRP C 276 33.38 6.24 17.25
CA TRP C 276 33.29 6.76 15.89
C TRP C 276 33.35 8.28 15.81
N ALA C 277 32.91 8.99 16.84
CA ALA C 277 32.98 10.45 16.88
C ALA C 277 33.61 10.89 18.21
N GLY C 278 34.87 10.54 18.38
CA GLY C 278 35.57 10.79 19.62
C GLY C 278 35.18 9.80 20.71
N GLY C 279 35.91 9.85 21.81
CA GLY C 279 35.66 9.00 22.95
C GLY C 279 36.56 7.77 22.96
N GLU C 280 36.50 7.06 24.09
CA GLU C 280 37.32 5.88 24.36
C GLU C 280 36.47 4.61 24.26
N PRO C 281 37.06 3.50 23.82
CA PRO C 281 36.28 2.27 23.63
C PRO C 281 35.58 1.80 24.91
N TYR C 282 34.56 0.97 24.70
CA TYR C 282 33.90 0.30 25.82
C TYR C 282 34.83 -0.74 26.43
N THR C 283 35.03 -0.65 27.74
CA THR C 283 35.79 -1.68 28.44
C THR C 283 34.96 -2.95 28.57
N ASP C 284 35.65 -4.09 28.59
CA ASP C 284 34.94 -5.36 28.66
C ASP C 284 34.17 -5.50 29.97
N ALA C 285 34.64 -4.87 31.04
CA ALA C 285 33.90 -4.88 32.30
C ALA C 285 32.56 -4.17 32.16
N PHE C 286 32.50 -3.14 31.31
CA PHE C 286 31.23 -2.45 31.08
C PHE C 286 30.24 -3.36 30.38
N ARG C 287 30.69 -4.10 29.36
CA ARG C 287 29.81 -5.02 28.66
C ARG C 287 29.35 -6.16 29.55
N GLU C 288 30.19 -6.57 30.50
CA GLU C 288 29.80 -7.63 31.43
C GLU C 288 28.68 -7.16 32.36
N LYS C 289 28.74 -5.89 32.79
CA LYS C 289 27.68 -5.36 33.62
C LYS C 289 26.40 -5.10 32.81
N VAL C 290 26.55 -4.84 31.51
CA VAL C 290 25.39 -4.62 30.66
C VAL C 290 24.71 -5.93 30.30
N ARG C 291 25.49 -6.98 30.04
CA ARG C 291 24.92 -8.28 29.73
C ARG C 291 24.14 -8.84 30.92
N ALA C 292 24.67 -8.65 32.14
CA ALA C 292 23.99 -9.16 33.33
C ALA C 292 22.66 -8.47 33.55
N ARG C 293 22.52 -7.22 33.10
CA ARG C 293 21.28 -6.47 33.27
C ARG C 293 20.35 -6.60 32.08
N PHE C 294 20.87 -6.89 30.89
CA PHE C 294 20.07 -7.03 29.68
C PHE C 294 20.39 -8.38 29.06
N HIS C 295 19.42 -9.30 29.09
CA HIS C 295 19.61 -10.64 28.57
C HIS C 295 19.14 -10.79 27.13
N GLY C 296 18.46 -9.78 26.58
CA GLY C 296 18.03 -9.83 25.20
C GLY C 296 19.16 -9.54 24.24
N PRO C 297 18.84 -9.43 22.95
CA PRO C 297 19.88 -9.12 21.95
C PRO C 297 20.47 -7.74 22.17
N ILE C 298 21.80 -7.67 22.20
CA ILE C 298 22.53 -6.43 22.35
C ILE C 298 23.24 -6.15 21.02
N ILE C 299 23.11 -4.92 20.53
CA ILE C 299 23.64 -4.52 19.23
C ILE C 299 24.71 -3.46 19.45
N GLY C 300 25.88 -3.68 18.85
CA GLY C 300 26.97 -2.74 18.92
C GLY C 300 27.10 -1.95 17.62
N ALA C 301 27.44 -0.67 17.75
CA ALA C 301 27.59 0.21 16.61
C ALA C 301 28.60 1.29 16.91
N GLY C 302 29.59 1.45 16.04
CA GLY C 302 30.61 2.45 16.21
C GLY C 302 32.01 1.96 15.92
N ALA C 303 32.50 2.23 14.71
CA ALA C 303 33.83 1.83 14.26
C ALA C 303 34.03 0.32 14.41
N TYR C 304 32.99 -0.45 14.10
CA TYR C 304 33.04 -1.89 14.25
C TYR C 304 33.69 -2.54 13.03
N THR C 305 34.30 -3.70 13.27
CA THR C 305 34.87 -4.51 12.20
C THR C 305 34.50 -5.96 12.45
N VAL C 306 34.74 -6.80 11.44
CA VAL C 306 34.36 -8.21 11.54
C VAL C 306 35.12 -8.90 12.67
N GLU C 307 36.39 -8.56 12.85
CA GLU C 307 37.18 -9.20 13.89
C GLU C 307 36.76 -8.73 15.28
N LYS C 308 36.39 -7.45 15.41
CA LYS C 308 35.83 -6.99 16.68
C LYS C 308 34.43 -7.53 16.90
N ALA C 309 33.66 -7.71 15.82
CA ALA C 309 32.30 -8.23 15.96
C ALA C 309 32.30 -9.67 16.43
N GLU C 310 33.06 -10.54 15.76
CA GLU C 310 33.06 -11.96 16.11
C GLU C 310 33.71 -12.21 17.46
N THR C 311 34.66 -11.37 17.86
CA THR C 311 35.32 -11.56 19.15
C THR C 311 34.34 -11.37 20.31
N LEU C 312 33.59 -10.26 20.29
CA LEU C 312 32.66 -9.98 21.39
C LEU C 312 31.44 -10.90 21.33
N ILE C 313 31.07 -11.36 20.13
CA ILE C 313 29.95 -12.29 20.03
C ILE C 313 30.31 -13.63 20.69
N GLY C 314 31.56 -14.08 20.52
CA GLY C 314 31.98 -15.32 21.14
C GLY C 314 32.03 -15.24 22.66
N LYS C 315 32.18 -14.04 23.20
CA LYS C 315 32.18 -13.82 24.64
C LYS C 315 30.78 -13.69 25.23
N GLY C 316 29.75 -13.53 24.39
CA GLY C 316 28.41 -13.34 24.90
C GLY C 316 28.10 -11.94 25.33
N LEU C 317 28.93 -10.97 24.95
CA LEU C 317 28.69 -9.58 25.32
C LEU C 317 27.72 -8.90 24.36
N ILE C 318 27.93 -9.10 23.06
CA ILE C 318 27.02 -8.59 22.04
C ILE C 318 26.53 -9.76 21.19
N ASP C 319 25.43 -9.53 20.49
CA ASP C 319 24.85 -10.52 19.60
C ASP C 319 24.77 -10.07 18.15
N ALA C 320 24.54 -8.79 17.90
CA ALA C 320 24.50 -8.23 16.56
C ALA C 320 25.37 -6.98 16.51
N VAL C 321 25.74 -6.59 15.28
CA VAL C 321 26.58 -5.42 15.06
C VAL C 321 25.93 -4.56 14.00
N ALA C 322 25.78 -3.27 14.30
CA ALA C 322 25.15 -2.31 13.40
C ALA C 322 26.25 -1.49 12.72
N PHE C 323 26.40 -1.66 11.42
CA PHE C 323 27.31 -0.85 10.62
C PHE C 323 26.55 0.35 10.05
N GLY C 324 27.20 1.49 10.03
CA GLY C 324 26.58 2.70 9.52
C GLY C 324 27.08 3.13 8.16
N ARG C 325 28.28 3.71 8.14
CA ARG C 325 28.81 4.27 6.90
C ARG C 325 29.11 3.20 5.86
N ASP C 326 29.40 1.97 6.29
CA ASP C 326 29.71 0.91 5.33
C ASP C 326 28.49 0.54 4.50
N TRP C 327 27.30 0.55 5.09
CA TRP C 327 26.10 0.23 4.34
C TRP C 327 25.77 1.30 3.31
N ILE C 328 26.22 2.53 3.53
CA ILE C 328 25.98 3.61 2.57
C ILE C 328 26.68 3.31 1.25
N ALA C 329 27.99 3.04 1.31
CA ALA C 329 28.78 2.84 0.10
C ALA C 329 28.74 1.41 -0.40
N ASN C 330 28.15 0.48 0.34
CA ASN C 330 28.08 -0.93 -0.04
C ASN C 330 26.67 -1.44 0.18
N PRO C 331 25.82 -1.42 -0.85
CA PRO C 331 24.44 -1.90 -0.67
C PRO C 331 24.36 -3.38 -0.36
N ASP C 332 25.35 -4.16 -0.75
CA ASP C 332 25.41 -5.59 -0.42
C ASP C 332 26.60 -5.82 0.51
N LEU C 333 26.48 -5.28 1.73
CA LEU C 333 27.60 -5.31 2.66
C LEU C 333 27.80 -6.70 3.26
N VAL C 334 26.73 -7.49 3.40
CA VAL C 334 26.85 -8.81 4.01
C VAL C 334 27.75 -9.71 3.16
N ALA C 335 27.64 -9.60 1.84
CA ALA C 335 28.47 -10.44 0.98
C ALA C 335 29.92 -9.98 0.97
N ARG C 336 30.15 -8.67 1.03
CA ARG C 336 31.52 -8.15 1.00
C ARG C 336 32.29 -8.55 2.25
N LEU C 337 31.67 -8.38 3.43
CA LEU C 337 32.34 -8.75 4.68
C LEU C 337 32.57 -10.25 4.78
N GLN C 338 31.76 -11.05 4.08
CA GLN C 338 31.90 -12.50 4.09
C GLN C 338 32.93 -12.98 3.08
N ARG C 339 32.95 -12.39 1.89
CA ARG C 339 33.92 -12.74 0.86
C ARG C 339 35.27 -12.07 1.06
N LYS C 340 35.41 -11.23 2.09
CA LYS C 340 36.64 -10.49 2.39
C LYS C 340 37.06 -9.57 1.26
N ALA C 341 36.12 -9.18 0.40
CA ALA C 341 36.42 -8.25 -0.68
C ALA C 341 36.43 -6.82 -0.14
N GLU C 342 37.17 -5.96 -0.81
CA GLU C 342 37.27 -4.58 -0.38
C GLU C 342 35.95 -3.86 -0.57
N LEU C 343 35.78 -2.75 0.15
CA LEU C 343 34.56 -1.96 0.11
C LEU C 343 34.73 -0.75 -0.80
N ASN C 344 33.60 -0.25 -1.30
CA ASN C 344 33.64 0.95 -2.13
C ASN C 344 33.89 2.18 -1.26
N PRO C 345 34.71 3.11 -1.71
CA PRO C 345 35.01 4.29 -0.90
C PRO C 345 33.79 5.18 -0.74
N GLN C 346 33.63 5.73 0.47
CA GLN C 346 32.46 6.53 0.78
C GLN C 346 32.63 7.96 0.30
N ARG C 347 31.56 8.54 -0.23
CA ARG C 347 31.53 9.93 -0.67
C ARG C 347 30.76 10.73 0.37
N ALA C 348 31.48 11.27 1.35
CA ALA C 348 30.84 12.02 2.43
C ALA C 348 30.23 13.33 1.97
N GLU C 349 30.60 13.81 0.78
CA GLU C 349 30.02 15.05 0.26
C GLU C 349 28.59 14.87 -0.22
N SER C 350 28.08 13.64 -0.25
CA SER C 350 26.72 13.37 -0.70
C SER C 350 25.96 12.52 0.31
N PHE C 351 26.34 12.60 1.59
CA PHE C 351 25.61 11.89 2.63
C PHE C 351 24.26 12.54 2.93
N TYR C 352 24.08 13.80 2.57
CA TYR C 352 22.86 14.54 2.90
C TYR C 352 22.38 15.32 1.68
N GLY C 353 21.08 15.32 1.47
CA GLY C 353 20.49 16.07 0.37
C GLY C 353 20.83 15.52 -0.99
N GLY C 354 20.28 16.15 -2.01
CA GLY C 354 20.52 15.76 -3.39
C GLY C 354 19.57 14.70 -3.88
N GLY C 355 20.09 13.73 -4.64
CA GLY C 355 19.28 12.67 -5.18
C GLY C 355 19.96 11.31 -5.17
N ALA C 356 19.99 10.65 -6.32
CA ALA C 356 20.58 9.33 -6.41
C ALA C 356 22.10 9.34 -6.35
N GLU C 357 22.73 10.52 -6.44
CA GLU C 357 24.18 10.61 -6.35
C GLU C 357 24.61 10.31 -4.91
N GLY C 358 25.47 9.30 -4.75
CA GLY C 358 25.89 8.89 -3.43
C GLY C 358 24.76 8.36 -2.57
N TYR C 359 23.80 7.69 -3.18
CA TYR C 359 22.63 7.19 -2.45
C TYR C 359 22.22 5.82 -2.98
N THR C 360 21.79 5.76 -4.24
CA THR C 360 21.43 4.50 -4.88
C THR C 360 22.34 4.15 -6.04
N ASP C 361 23.35 4.96 -6.34
CA ASP C 361 24.25 4.72 -7.45
C ASP C 361 25.52 3.96 -7.04
N TYR C 362 25.56 3.44 -5.82
CA TYR C 362 26.72 2.68 -5.38
C TYR C 362 26.70 1.29 -6.01
N PRO C 363 27.80 0.83 -6.59
CA PRO C 363 27.78 -0.44 -7.30
C PRO C 363 27.68 -1.63 -6.35
N THR C 364 27.25 -2.76 -6.91
CA THR C 364 27.12 -4.02 -6.20
C THR C 364 28.22 -4.97 -6.66
N LEU C 365 28.03 -6.27 -6.42
CA LEU C 365 28.96 -7.29 -6.89
C LEU C 365 28.27 -8.25 -7.85
#